data_8DGX
#
_entry.id   8DGX
#
_cell.length_a   68.997
_cell.length_b   66.499
_cell.length_c   94.386
_cell.angle_alpha   90.000
_cell.angle_beta   107.760
_cell.angle_gamma   90.000
#
_symmetry.space_group_name_H-M   'P 1 21 1'
#
loop_
_entity.id
_entity.type
_entity.pdbx_description
1 polymer 'Antibody CC68.109 Fab heavy chain'
2 polymer 'Antibody CC68.109 Fab light chain'
3 polymer "Spike protein S2'"
#
loop_
_entity_poly.entity_id
_entity_poly.type
_entity_poly.pdbx_seq_one_letter_code
_entity_poly.pdbx_strand_id
1 'polypeptide(L)'
;QVQLVQSGAEVKKPGASVKVSCQASGNTFTNYYVHWVRQAPGQGLEWMGIISPSGDGTRYAQKFQGRVTMTRDTSTTTVY
MELSSLRSEDTAVYYCARGSNWGPWDYWGQGTLVTVSSASTKGPSVFPLAPSSKSTSGGTAALGCLVKDYFPEPVTVSWN
SGALTSGVHTFPAVLQSSGLYSLSSVVTVPSSSLGTQTYICNVNHKPSNTKVDKRVEPKSC
;
H,A
2 'polypeptide(L)'
;EIVLTQSPGTLSLSPGERATLSCRASQSVRRNYLAWYQQKPGQAPRLLIFGASSRATGIPDRFSGSGSGTDFTLTISRLE
PEDFAVYYCQQYDSSPPIFTFGPGTKVDIKRTVAAPSVFIFPPSDEQLKSGTASVVCLLNNFYPREAKVQWKVDNALQSG
NSQESVTEQDSKDSTYSLSSTLTLSKADYEKHKVYACEVTHQGLSSPVTKSFNRGECS
;
L,B
3 'polypeptide(L)' PLLGNSTGIDFQDELDEFFKNVSTSIP C,D
#
# COMPACT_ATOMS: atom_id res chain seq x y z
N LEU A 4 3.35 3.45 -5.68
CA LEU A 4 3.66 2.53 -6.77
C LEU A 4 2.44 1.73 -7.20
N VAL A 5 1.61 2.31 -8.05
CA VAL A 5 0.42 1.61 -8.55
C VAL A 5 0.82 0.73 -9.72
N GLN A 6 0.36 -0.51 -9.70
CA GLN A 6 0.65 -1.51 -10.72
C GLN A 6 -0.62 -1.88 -11.48
N SER A 7 -0.45 -2.77 -12.46
CA SER A 7 -1.55 -3.26 -13.28
C SER A 7 -2.42 -4.23 -12.49
N GLY A 8 -3.56 -4.58 -13.08
CA GLY A 8 -4.48 -5.51 -12.46
C GLY A 8 -4.12 -6.95 -12.75
N ALA A 9 -4.92 -7.85 -12.17
CA ALA A 9 -4.69 -9.28 -12.36
C ALA A 9 -4.72 -9.62 -13.84
N GLU A 10 -3.84 -10.51 -14.26
CA GLU A 10 -3.74 -10.91 -15.66
C GLU A 10 -3.93 -12.42 -15.79
N VAL A 11 -4.85 -12.81 -16.66
CA VAL A 11 -5.11 -14.23 -16.89
C VAL A 11 -4.61 -14.62 -18.28
N LYS A 12 -3.36 -15.01 -18.36
CA LYS A 12 -2.78 -15.44 -19.64
C LYS A 12 -2.88 -16.95 -19.77
N LYS A 13 -2.52 -17.44 -20.95
CA LYS A 13 -2.58 -18.86 -21.28
C LYS A 13 -1.18 -19.45 -21.32
N PRO A 14 -1.03 -20.76 -21.11
CA PRO A 14 0.31 -21.36 -21.13
C PRO A 14 1.00 -21.12 -22.47
N GLY A 15 2.26 -20.70 -22.41
CA GLY A 15 3.02 -20.43 -23.61
C GLY A 15 2.82 -19.04 -24.19
N ALA A 16 1.98 -18.21 -23.56
CA ALA A 16 1.72 -16.86 -24.05
C ALA A 16 2.68 -15.87 -23.39
N SER A 17 2.32 -14.59 -23.37
CA SER A 17 3.15 -13.56 -22.77
C SER A 17 2.26 -12.58 -22.00
N VAL A 18 2.85 -11.94 -21.00
CA VAL A 18 2.13 -10.99 -20.16
C VAL A 18 2.97 -9.72 -20.03
N LYS A 19 2.30 -8.57 -19.99
CA LYS A 19 2.95 -7.28 -19.84
C LYS A 19 2.33 -6.60 -18.63
N VAL A 20 3.11 -6.43 -17.56
CA VAL A 20 2.65 -5.80 -16.34
C VAL A 20 3.24 -4.40 -16.28
N SER A 21 2.46 -3.45 -15.76
CA SER A 21 2.89 -2.06 -15.67
C SER A 21 3.01 -1.63 -14.22
N CYS A 22 3.88 -0.64 -14.00
CA CYS A 22 4.12 -0.08 -12.67
C CYS A 22 4.28 1.43 -12.85
N GLN A 23 3.18 2.17 -12.71
CA GLN A 23 3.24 3.61 -12.84
C GLN A 23 3.61 4.19 -11.49
N ALA A 24 4.39 5.26 -11.52
CA ALA A 24 4.85 5.91 -10.30
C ALA A 24 4.90 7.41 -10.55
N SER A 25 5.49 8.11 -9.59
CA SER A 25 5.68 9.54 -9.70
C SER A 25 7.13 9.70 -10.11
N GLY A 26 7.38 10.61 -11.06
CA GLY A 26 8.75 10.79 -11.51
C GLY A 26 9.64 11.31 -10.42
N ASN A 27 9.07 12.03 -9.46
CA ASN A 27 9.88 12.52 -8.35
C ASN A 27 10.44 11.36 -7.56
N THR A 28 9.70 10.25 -7.47
CA THR A 28 10.10 9.04 -6.78
C THR A 28 10.58 7.95 -7.73
N PHE A 29 10.93 8.29 -8.98
CA PHE A 29 11.36 7.23 -9.90
C PHE A 29 12.29 7.70 -11.02
N THR A 30 12.18 8.96 -11.47
CA THR A 30 13.05 9.40 -12.56
C THR A 30 14.52 9.39 -12.18
N ASN A 31 14.83 9.62 -10.91
CA ASN A 31 16.21 9.62 -10.41
C ASN A 31 16.53 8.37 -9.61
N TYR A 32 15.66 7.37 -9.65
CA TYR A 32 15.87 6.15 -8.89
C TYR A 32 15.67 4.90 -9.74
N TYR A 33 16.32 3.83 -9.31
CA TYR A 33 16.25 2.53 -9.96
C TYR A 33 15.00 1.78 -9.50
N VAL A 34 14.53 0.88 -10.36
CA VAL A 34 13.36 0.07 -10.08
C VAL A 34 13.71 -1.39 -10.32
N HIS A 35 13.06 -2.29 -9.57
CA HIS A 35 13.29 -3.72 -9.67
C HIS A 35 11.95 -4.46 -9.75
N TRP A 36 11.99 -5.65 -10.34
CA TRP A 36 10.80 -6.50 -10.49
C TRP A 36 11.03 -7.81 -9.75
N VAL A 37 10.07 -8.16 -8.89
CA VAL A 37 10.13 -9.38 -8.08
C VAL A 37 8.80 -10.13 -8.22
N ARG A 38 8.86 -11.44 -7.99
CA ARG A 38 7.70 -12.31 -8.05
C ARG A 38 7.67 -13.21 -6.82
N GLN A 39 6.46 -13.57 -6.41
CA GLN A 39 6.25 -14.45 -5.26
C GLN A 39 5.24 -15.52 -5.65
N ALA A 40 5.70 -16.76 -5.73
CA ALA A 40 4.80 -17.85 -6.07
C ALA A 40 3.79 -18.01 -4.93
N PRO A 41 2.53 -18.35 -5.23
CA PRO A 41 1.53 -18.52 -4.17
C PRO A 41 2.02 -19.41 -3.04
N GLY A 42 2.30 -18.79 -1.90
CA GLY A 42 2.78 -19.50 -0.74
C GLY A 42 4.28 -19.72 -0.68
N GLN A 43 5.05 -19.11 -1.58
CA GLN A 43 6.49 -19.29 -1.59
C GLN A 43 7.23 -17.99 -1.27
N GLY A 44 8.50 -17.92 -1.63
CA GLY A 44 9.34 -16.77 -1.37
C GLY A 44 9.38 -15.76 -2.50
N LEU A 45 10.33 -14.83 -2.38
CA LEU A 45 10.53 -13.75 -3.34
C LEU A 45 11.66 -14.10 -4.30
N GLU A 46 11.49 -13.72 -5.57
CA GLU A 46 12.49 -13.97 -6.59
C GLU A 46 12.75 -12.71 -7.40
N TRP A 47 13.99 -12.20 -7.33
CA TRP A 47 14.35 -11.03 -8.11
C TRP A 47 14.44 -11.42 -9.58
N MET A 48 13.98 -10.53 -10.45
CA MET A 48 13.99 -10.82 -11.88
C MET A 48 14.81 -9.85 -12.72
N GLY A 49 14.80 -8.57 -12.39
CA GLY A 49 15.59 -7.64 -13.18
C GLY A 49 15.57 -6.26 -12.56
N ILE A 50 16.42 -5.40 -13.09
CA ILE A 50 16.54 -4.02 -12.63
C ILE A 50 16.52 -3.09 -13.83
N ILE A 51 15.69 -2.05 -13.77
CA ILE A 51 15.59 -1.07 -14.83
C ILE A 51 16.34 0.18 -14.37
N SER A 52 17.13 0.75 -15.27
CA SER A 52 17.99 1.91 -15.06
C SER A 52 17.19 3.18 -14.79
N PRO A 53 17.80 4.22 -14.22
CA PRO A 53 17.05 5.45 -13.93
C PRO A 53 16.50 6.14 -15.17
N SER A 54 17.00 5.82 -16.35
CA SER A 54 16.52 6.47 -17.57
C SER A 54 16.31 5.45 -18.68
N GLY A 55 17.40 5.01 -19.31
CA GLY A 55 17.33 4.05 -20.39
C GLY A 55 17.13 2.63 -19.93
N ASP A 56 16.94 1.73 -20.90
CA ASP A 56 16.72 0.32 -20.62
C ASP A 56 18.04 -0.40 -20.35
N GLY A 57 18.73 0.07 -19.31
CA GLY A 57 19.99 -0.52 -18.87
C GLY A 57 19.64 -1.63 -17.91
N THR A 58 18.86 -2.59 -18.42
CA THR A 58 18.38 -3.71 -17.64
C THR A 58 19.38 -4.85 -17.47
N ARG A 59 19.38 -5.43 -16.27
CA ARG A 59 20.21 -6.58 -15.90
C ARG A 59 19.21 -7.65 -15.45
N TYR A 60 18.93 -8.62 -16.30
CA TYR A 60 17.96 -9.67 -16.01
C TYR A 60 18.58 -10.83 -15.23
N ALA A 61 17.71 -11.67 -14.70
CA ALA A 61 18.09 -12.86 -13.94
C ALA A 61 18.31 -14.04 -14.88
N GLN A 62 19.12 -15.00 -14.42
CA GLN A 62 19.44 -16.16 -15.25
C GLN A 62 18.21 -17.04 -15.47
N LYS A 63 17.42 -17.29 -14.42
CA LYS A 63 16.24 -18.12 -14.58
C LYS A 63 15.26 -17.52 -15.58
N PHE A 64 15.29 -16.20 -15.72
CA PHE A 64 14.41 -15.51 -16.65
C PHE A 64 15.23 -14.76 -17.69
N GLN A 65 16.24 -15.39 -18.26
CA GLN A 65 17.06 -14.72 -19.28
C GLN A 65 16.58 -15.19 -20.65
N GLY A 66 16.16 -14.23 -21.47
CA GLY A 66 15.64 -14.48 -22.80
C GLY A 66 14.14 -14.51 -22.85
N ARG A 67 13.48 -14.73 -21.71
CA ARG A 67 12.03 -14.76 -21.59
C ARG A 67 11.47 -13.50 -20.93
N VAL A 68 12.32 -12.54 -20.56
CA VAL A 68 11.90 -11.32 -19.89
C VAL A 68 12.37 -10.11 -20.68
N THR A 69 11.67 -8.99 -20.47
CA THR A 69 12.00 -7.73 -21.12
C THR A 69 11.42 -6.62 -20.26
N MET A 70 12.26 -5.71 -19.79
CA MET A 70 11.85 -4.59 -18.96
C MET A 70 12.07 -3.29 -19.73
N THR A 71 11.12 -2.37 -19.61
CA THR A 71 11.20 -1.10 -20.32
C THR A 71 10.71 0.02 -19.42
N ARG A 72 11.14 1.23 -19.77
CA ARG A 72 10.77 2.44 -19.04
C ARG A 72 10.24 3.47 -20.03
N ASP A 73 9.20 4.19 -19.61
CA ASP A 73 8.57 5.23 -20.42
C ASP A 73 8.63 6.51 -19.59
N THR A 74 9.55 7.41 -19.96
CA THR A 74 9.69 8.67 -19.24
C THR A 74 8.55 9.64 -19.52
N SER A 75 7.72 9.37 -20.52
CA SER A 75 6.61 10.27 -20.81
C SER A 75 5.48 10.07 -19.79
N THR A 76 5.19 8.82 -19.44
CA THR A 76 4.16 8.50 -18.46
C THR A 76 4.76 8.01 -17.14
N THR A 77 6.08 8.10 -16.99
CA THR A 77 6.82 7.69 -15.79
C THR A 77 6.41 6.29 -15.31
N THR A 78 6.34 5.37 -16.25
CA THR A 78 5.95 3.99 -15.97
C THR A 78 7.07 3.02 -16.34
N VAL A 79 7.07 1.87 -15.66
CA VAL A 79 8.01 0.79 -15.90
C VAL A 79 7.19 -0.41 -16.32
N TYR A 80 7.64 -1.12 -17.36
CA TYR A 80 6.93 -2.26 -17.88
C TYR A 80 7.77 -3.52 -17.80
N MET A 81 7.11 -4.64 -17.55
CA MET A 81 7.74 -5.95 -17.47
C MET A 81 6.97 -6.89 -18.38
N GLU A 82 7.70 -7.61 -19.25
CA GLU A 82 7.08 -8.56 -20.16
C GLU A 82 7.74 -9.92 -19.97
N LEU A 83 6.91 -10.95 -19.78
CA LEU A 83 7.37 -12.31 -19.58
C LEU A 83 6.77 -13.16 -20.69
N SER A 84 7.60 -13.98 -21.33
CA SER A 84 7.18 -14.84 -22.44
C SER A 84 7.39 -16.31 -22.07
N SER A 85 6.76 -17.18 -22.86
CA SER A 85 6.83 -18.63 -22.64
C SER A 85 6.29 -18.97 -21.25
N LEU A 86 5.13 -18.41 -20.93
CA LEU A 86 4.50 -18.61 -19.64
C LEU A 86 4.23 -20.09 -19.38
N ARG A 87 4.31 -20.47 -18.10
CA ARG A 87 4.12 -21.84 -17.67
C ARG A 87 3.41 -21.85 -16.32
N SER A 88 3.05 -23.05 -15.86
CA SER A 88 2.37 -23.17 -14.59
C SER A 88 3.24 -22.68 -13.45
N GLU A 89 4.56 -22.86 -13.56
CA GLU A 89 5.49 -22.40 -12.54
C GLU A 89 5.60 -20.88 -12.50
N ASP A 90 5.08 -20.18 -13.50
CA ASP A 90 5.15 -18.73 -13.54
C ASP A 90 3.92 -18.05 -12.95
N THR A 91 2.94 -18.81 -12.47
CA THR A 91 1.77 -18.19 -11.86
C THR A 91 2.21 -17.64 -10.50
N ALA A 92 2.18 -16.32 -10.35
CA ALA A 92 2.63 -15.70 -9.11
C ALA A 92 2.24 -14.23 -9.11
N VAL A 93 2.38 -13.61 -7.94
CA VAL A 93 2.10 -12.19 -7.77
C VAL A 93 3.42 -11.44 -8.00
N TYR A 94 3.44 -10.57 -8.99
CA TYR A 94 4.63 -9.80 -9.34
C TYR A 94 4.58 -8.42 -8.72
N TYR A 95 5.72 -7.97 -8.19
CA TYR A 95 5.85 -6.68 -7.53
C TYR A 95 6.92 -5.81 -8.17
N CYS A 96 6.72 -4.50 -8.09
CA CYS A 96 7.68 -3.52 -8.58
C CYS A 96 8.13 -2.74 -7.36
N ALA A 97 9.45 -2.65 -7.15
CA ALA A 97 9.99 -1.94 -6.01
C ALA A 97 11.11 -1.02 -6.43
N ARG A 98 11.18 0.15 -5.79
CA ARG A 98 12.22 1.13 -6.09
C ARG A 98 13.44 0.86 -5.23
N GLY A 99 14.62 0.86 -5.84
CA GLY A 99 15.85 0.65 -5.10
C GLY A 99 16.33 1.92 -4.43
N SER A 100 16.79 1.77 -3.19
CA SER A 100 17.30 2.90 -2.44
C SER A 100 18.75 3.17 -2.84
N ASN A 101 19.28 4.29 -2.35
CA ASN A 101 20.68 4.62 -2.67
C ASN A 101 21.64 3.59 -2.11
N TRP A 102 21.20 2.80 -1.13
CA TRP A 102 22.04 1.78 -0.51
C TRP A 102 21.79 0.38 -1.06
N GLY A 103 20.75 0.16 -1.85
CA GLY A 103 20.50 -1.16 -2.39
C GLY A 103 19.12 -1.74 -2.15
N PRO A 104 18.77 -1.97 -0.89
CA PRO A 104 17.46 -2.57 -0.60
C PRO A 104 16.30 -1.70 -1.04
N TRP A 105 15.20 -2.37 -1.37
CA TRP A 105 13.99 -1.71 -1.84
C TRP A 105 13.15 -1.19 -0.68
N ASP A 106 12.85 0.11 -0.71
CA ASP A 106 12.08 0.79 0.33
C ASP A 106 10.59 0.87 0.01
N TYR A 107 10.24 1.28 -1.21
CA TYR A 107 8.84 1.43 -1.62
C TYR A 107 8.48 0.36 -2.64
N TRP A 108 7.59 -0.54 -2.25
CA TRP A 108 7.10 -1.63 -3.08
C TRP A 108 5.79 -1.24 -3.75
N GLY A 109 5.16 -2.21 -4.41
CA GLY A 109 3.90 -2.00 -5.08
C GLY A 109 2.83 -2.97 -4.58
N GLN A 110 1.60 -2.74 -5.01
CA GLN A 110 0.50 -3.60 -4.59
C GLN A 110 0.64 -5.03 -5.11
N GLY A 111 1.19 -5.20 -6.31
CA GLY A 111 1.36 -6.52 -6.87
C GLY A 111 0.35 -6.82 -7.96
N THR A 112 0.71 -7.78 -8.83
CA THR A 112 -0.13 -8.21 -9.94
C THR A 112 -0.14 -9.72 -10.03
N LEU A 113 -1.29 -10.34 -9.78
CA LEU A 113 -1.39 -11.79 -9.88
C LEU A 113 -1.42 -12.20 -11.35
N VAL A 114 -0.53 -13.11 -11.73
CA VAL A 114 -0.42 -13.57 -13.11
C VAL A 114 -0.74 -15.06 -13.12
N THR A 115 -2.00 -15.39 -13.36
CA THR A 115 -2.47 -16.77 -13.41
C THR A 115 -2.39 -17.27 -14.85
N VAL A 116 -1.97 -18.52 -15.00
CA VAL A 116 -1.80 -19.16 -16.32
C VAL A 116 -2.67 -20.41 -16.37
N SER A 117 -3.78 -20.32 -17.11
CA SER A 117 -4.70 -21.46 -17.20
C SER A 117 -5.53 -21.35 -18.48
N SER A 118 -6.63 -22.10 -18.54
CA SER A 118 -7.51 -22.14 -19.71
C SER A 118 -8.18 -20.79 -19.98
N ALA A 119 -8.53 -20.04 -18.92
CA ALA A 119 -9.13 -18.69 -18.99
C ALA A 119 -10.50 -18.64 -19.63
N SER A 120 -11.25 -19.71 -19.61
CA SER A 120 -12.50 -19.54 -20.31
C SER A 120 -13.65 -19.11 -19.37
N THR A 121 -13.29 -18.38 -18.31
CA THR A 121 -14.17 -17.75 -17.30
C THR A 121 -15.39 -18.59 -16.91
N LYS A 122 -15.15 -19.73 -16.27
CA LYS A 122 -16.24 -20.61 -15.83
C LYS A 122 -16.87 -20.12 -14.52
N GLY A 123 -18.15 -20.45 -14.33
CA GLY A 123 -18.84 -20.07 -13.12
C GLY A 123 -18.68 -21.10 -12.02
N PRO A 124 -18.77 -20.66 -10.78
CA PRO A 124 -18.61 -21.59 -9.64
C PRO A 124 -19.73 -22.60 -9.52
N SER A 125 -19.38 -23.76 -9.00
CA SER A 125 -20.30 -24.86 -8.73
C SER A 125 -20.18 -25.16 -7.23
N VAL A 126 -21.20 -24.80 -6.47
CA VAL A 126 -21.20 -25.00 -5.02
C VAL A 126 -21.81 -26.36 -4.70
N PHE A 127 -21.07 -27.18 -3.95
CA PHE A 127 -21.51 -28.50 -3.56
C PHE A 127 -21.54 -28.62 -2.04
N PRO A 128 -22.45 -29.42 -1.49
CA PRO A 128 -22.57 -29.53 -0.04
C PRO A 128 -21.62 -30.53 0.61
N LEU A 129 -21.01 -30.10 1.72
CA LEU A 129 -20.13 -30.92 2.56
C LEU A 129 -21.03 -31.15 3.78
N ALA A 130 -21.84 -32.20 3.70
CA ALA A 130 -22.83 -32.48 4.73
C ALA A 130 -22.20 -32.96 6.05
N PRO A 131 -22.73 -32.50 7.18
CA PRO A 131 -22.22 -32.96 8.47
C PRO A 131 -22.66 -34.39 8.75
N SER A 132 -21.90 -35.08 9.60
CA SER A 132 -22.20 -36.46 9.97
C SER A 132 -21.37 -36.81 11.20
N SER A 133 -21.45 -38.08 11.61
CA SER A 133 -20.68 -38.51 12.78
C SER A 133 -19.18 -38.45 12.50
N LYS A 134 -18.78 -38.66 11.23
CA LYS A 134 -17.37 -38.56 10.89
C LYS A 134 -16.92 -37.11 10.82
N SER A 135 -17.88 -36.18 10.78
CA SER A 135 -17.60 -34.75 10.76
C SER A 135 -18.08 -34.05 12.02
N THR A 136 -18.39 -34.81 13.08
CA THR A 136 -18.86 -34.25 14.33
C THR A 136 -18.49 -35.19 15.47
N SER A 137 -17.89 -34.64 16.53
CA SER A 137 -17.50 -35.46 17.69
C SER A 137 -17.29 -34.54 18.88
N GLY A 138 -18.17 -34.61 19.87
CA GLY A 138 -18.06 -33.79 21.05
C GLY A 138 -18.93 -32.56 21.08
N GLY A 139 -20.12 -32.62 20.47
CA GLY A 139 -21.02 -31.49 20.41
C GLY A 139 -20.62 -30.47 19.37
N THR A 140 -19.50 -30.67 18.68
CA THR A 140 -19.03 -29.78 17.63
C THR A 140 -19.22 -30.52 16.32
N ALA A 141 -19.94 -29.89 15.40
CA ALA A 141 -20.20 -30.48 14.09
C ALA A 141 -19.56 -29.63 13.01
N ALA A 142 -19.00 -30.29 12.01
CA ALA A 142 -18.36 -29.59 10.90
C ALA A 142 -19.18 -29.79 9.63
N LEU A 143 -19.57 -28.69 9.01
CA LEU A 143 -20.32 -28.71 7.77
C LEU A 143 -19.71 -27.64 6.87
N GLY A 144 -20.00 -27.70 5.58
CA GLY A 144 -19.43 -26.70 4.71
C GLY A 144 -19.93 -26.80 3.29
N CYS A 145 -19.31 -25.99 2.44
CA CYS A 145 -19.62 -25.92 1.01
C CYS A 145 -18.32 -25.92 0.22
N LEU A 146 -18.35 -26.54 -0.94
CA LEU A 146 -17.19 -26.62 -1.82
C LEU A 146 -17.47 -25.86 -3.11
N VAL A 147 -16.82 -24.70 -3.25
CA VAL A 147 -16.96 -23.87 -4.44
C VAL A 147 -15.89 -24.36 -5.40
N LYS A 148 -16.24 -25.36 -6.21
CA LYS A 148 -15.33 -26.01 -7.13
C LYS A 148 -15.55 -25.63 -8.58
N ASP A 149 -14.48 -25.71 -9.36
CA ASP A 149 -14.44 -25.46 -10.80
C ASP A 149 -14.98 -24.07 -11.16
N TYR A 150 -14.22 -23.06 -10.75
CA TYR A 150 -14.58 -21.68 -11.04
C TYR A 150 -13.35 -20.92 -11.48
N PHE A 151 -13.55 -20.00 -12.43
CA PHE A 151 -12.47 -19.18 -12.94
C PHE A 151 -13.07 -17.91 -13.51
N PRO A 152 -12.49 -16.74 -13.24
CA PRO A 152 -11.30 -16.60 -12.40
C PRO A 152 -11.69 -16.23 -10.98
N GLU A 153 -10.74 -15.75 -10.21
CA GLU A 153 -10.96 -15.33 -8.85
C GLU A 153 -11.49 -13.90 -8.82
N PRO A 154 -12.18 -13.49 -7.75
CA PRO A 154 -12.49 -14.25 -6.53
C PRO A 154 -13.96 -14.63 -6.37
N VAL A 155 -14.23 -15.40 -5.32
CA VAL A 155 -15.57 -15.82 -4.96
C VAL A 155 -15.77 -15.50 -3.48
N THR A 156 -16.88 -14.87 -3.15
CA THR A 156 -17.19 -14.51 -1.77
C THR A 156 -18.23 -15.48 -1.22
N VAL A 157 -17.94 -16.03 -0.04
CA VAL A 157 -18.81 -16.99 0.62
C VAL A 157 -19.37 -16.38 1.90
N SER A 158 -20.67 -16.59 2.12
CA SER A 158 -21.36 -16.12 3.31
C SER A 158 -22.14 -17.31 3.87
N TRP A 159 -22.38 -17.29 5.18
CA TRP A 159 -23.10 -18.38 5.84
C TRP A 159 -24.34 -17.83 6.52
N ASN A 160 -25.50 -18.39 6.17
CA ASN A 160 -26.79 -17.98 6.71
C ASN A 160 -27.05 -16.50 6.44
N SER A 161 -26.63 -16.04 5.26
CA SER A 161 -26.80 -14.64 4.83
C SER A 161 -26.20 -13.68 5.84
N GLY A 162 -25.05 -14.07 6.42
CA GLY A 162 -24.35 -13.27 7.39
C GLY A 162 -24.65 -13.59 8.84
N ALA A 163 -25.67 -14.40 9.11
CA ALA A 163 -26.00 -14.73 10.49
C ALA A 163 -24.91 -15.56 11.16
N LEU A 164 -24.28 -16.46 10.42
CA LEU A 164 -23.24 -17.33 10.95
C LEU A 164 -21.87 -16.71 10.72
N THR A 165 -21.23 -16.25 11.81
CA THR A 165 -19.90 -15.66 11.75
C THR A 165 -18.92 -16.30 12.72
N SER A 166 -19.40 -17.09 13.68
CA SER A 166 -18.52 -17.76 14.64
C SER A 166 -18.20 -19.15 14.13
N GLY A 167 -16.90 -19.48 14.09
CA GLY A 167 -16.48 -20.78 13.62
C GLY A 167 -16.38 -20.93 12.12
N VAL A 168 -16.63 -19.86 11.36
CA VAL A 168 -16.56 -19.93 9.90
C VAL A 168 -15.10 -19.86 9.46
N HIS A 169 -14.72 -20.71 8.52
CA HIS A 169 -13.36 -20.76 8.00
C HIS A 169 -13.42 -20.90 6.48
N THR A 170 -13.25 -19.79 5.77
CA THR A 170 -13.24 -19.80 4.31
C THR A 170 -11.78 -19.98 3.91
N PHE A 171 -11.40 -21.22 3.63
CA PHE A 171 -10.03 -21.55 3.29
C PHE A 171 -9.61 -20.94 1.95
N PRO A 172 -8.34 -20.57 1.82
CA PRO A 172 -7.87 -19.99 0.55
C PRO A 172 -8.00 -20.98 -0.60
N ALA A 173 -8.28 -20.46 -1.78
CA ALA A 173 -8.45 -21.26 -2.99
C ALA A 173 -7.11 -21.74 -3.54
N VAL A 174 -7.18 -22.81 -4.33
CA VAL A 174 -6.00 -23.42 -4.94
C VAL A 174 -6.32 -23.82 -6.37
N LEU A 175 -5.47 -23.39 -7.31
CA LEU A 175 -5.66 -23.76 -8.70
C LEU A 175 -5.36 -25.24 -8.87
N GLN A 176 -6.18 -25.92 -9.67
CA GLN A 176 -6.03 -27.36 -9.90
C GLN A 176 -5.48 -27.62 -11.30
N SER A 177 -5.21 -28.89 -11.59
CA SER A 177 -4.69 -29.24 -12.91
C SER A 177 -5.66 -28.83 -14.01
N SER A 178 -6.94 -28.63 -13.65
CA SER A 178 -7.96 -28.21 -14.59
C SER A 178 -7.71 -26.80 -15.11
N GLY A 179 -6.98 -25.99 -14.36
CA GLY A 179 -6.77 -24.61 -14.70
C GLY A 179 -7.80 -23.71 -14.04
N LEU A 180 -8.63 -24.27 -13.17
CA LEU A 180 -9.67 -23.58 -12.43
C LEU A 180 -9.32 -23.62 -10.95
N TYR A 181 -10.20 -23.10 -10.11
CA TYR A 181 -9.99 -23.06 -8.67
C TYR A 181 -11.07 -23.83 -7.92
N SER A 182 -10.79 -24.05 -6.64
CA SER A 182 -11.71 -24.72 -5.74
C SER A 182 -11.49 -24.14 -4.35
N LEU A 183 -12.56 -23.67 -3.72
CA LEU A 183 -12.51 -23.09 -2.39
C LEU A 183 -13.41 -23.88 -1.46
N SER A 184 -13.01 -23.98 -0.20
CA SER A 184 -13.75 -24.72 0.82
C SER A 184 -14.06 -23.81 2.00
N SER A 185 -15.35 -23.67 2.30
CA SER A 185 -15.82 -22.87 3.43
C SER A 185 -16.51 -23.83 4.38
N VAL A 186 -16.06 -23.84 5.64
CA VAL A 186 -16.62 -24.75 6.64
C VAL A 186 -16.89 -23.98 7.93
N VAL A 187 -17.89 -24.45 8.66
CA VAL A 187 -18.28 -23.85 9.93
C VAL A 187 -18.52 -24.94 10.95
N THR A 188 -18.04 -24.70 12.17
CA THR A 188 -18.23 -25.62 13.28
C THR A 188 -19.44 -25.12 14.04
N VAL A 189 -20.48 -25.92 14.11
CA VAL A 189 -21.74 -25.52 14.74
C VAL A 189 -22.09 -26.54 15.81
N PRO A 190 -22.89 -26.15 16.81
CA PRO A 190 -23.30 -27.09 17.85
C PRO A 190 -24.08 -28.24 17.25
N SER A 191 -23.81 -29.46 17.73
CA SER A 191 -24.48 -30.65 17.23
C SER A 191 -25.97 -30.69 17.61
N SER A 192 -26.34 -30.09 18.75
CA SER A 192 -27.71 -30.13 19.25
C SER A 192 -28.71 -29.31 18.43
N SER A 193 -28.30 -28.71 17.32
CA SER A 193 -29.23 -27.93 16.51
C SER A 193 -28.94 -28.12 15.02
N LEU A 194 -28.10 -29.09 14.66
CA LEU A 194 -27.80 -29.35 13.26
C LEU A 194 -29.07 -29.68 12.49
N GLY A 195 -30.00 -30.37 13.14
CA GLY A 195 -31.27 -30.72 12.54
C GLY A 195 -32.36 -29.73 12.86
N THR A 196 -32.07 -28.78 13.75
CA THR A 196 -33.01 -27.75 14.19
C THR A 196 -32.77 -26.40 13.51
N GLN A 197 -31.65 -26.20 12.84
CA GLN A 197 -31.32 -24.94 12.19
C GLN A 197 -30.90 -25.17 10.75
N THR A 198 -31.03 -24.13 9.94
CA THR A 198 -30.71 -24.18 8.52
C THR A 198 -29.38 -23.49 8.23
N TYR A 199 -28.48 -24.19 7.55
CA TYR A 199 -27.15 -23.68 7.23
C TYR A 199 -27.03 -23.57 5.71
N ILE A 200 -27.09 -22.33 5.21
CA ILE A 200 -27.00 -22.04 3.78
C ILE A 200 -25.75 -21.22 3.50
N CYS A 201 -25.04 -21.58 2.44
CA CYS A 201 -23.85 -20.87 2.01
C CYS A 201 -24.18 -20.05 0.77
N ASN A 202 -23.94 -18.74 0.84
CA ASN A 202 -24.19 -17.83 -0.28
C ASN A 202 -22.87 -17.52 -0.94
N VAL A 203 -22.69 -17.99 -2.18
CA VAL A 203 -21.47 -17.78 -2.94
C VAL A 203 -21.75 -16.81 -4.07
N ASN A 204 -20.83 -15.86 -4.28
CA ASN A 204 -20.96 -14.85 -5.31
C ASN A 204 -19.69 -14.81 -6.16
N HIS A 205 -19.87 -14.92 -7.47
CA HIS A 205 -18.77 -14.86 -8.44
C HIS A 205 -19.10 -13.76 -9.43
N LYS A 206 -18.72 -12.54 -9.08
CA LYS A 206 -18.96 -11.38 -9.95
C LYS A 206 -18.39 -11.55 -11.35
N PRO A 207 -17.18 -12.09 -11.55
CA PRO A 207 -16.67 -12.21 -12.93
C PRO A 207 -17.59 -12.98 -13.85
N SER A 208 -18.32 -13.99 -13.34
CA SER A 208 -19.26 -14.74 -14.15
C SER A 208 -20.71 -14.40 -13.83
N ASN A 209 -20.93 -13.46 -12.89
CA ASN A 209 -22.28 -13.03 -12.49
C ASN A 209 -23.12 -14.22 -12.04
N THR A 210 -22.58 -14.98 -11.08
CA THR A 210 -23.25 -16.16 -10.56
C THR A 210 -23.37 -16.07 -9.05
N LYS A 211 -24.59 -16.26 -8.54
CA LYS A 211 -24.88 -16.23 -7.11
C LYS A 211 -25.69 -17.47 -6.76
N VAL A 212 -25.15 -18.32 -5.89
CA VAL A 212 -25.79 -19.56 -5.49
C VAL A 212 -25.93 -19.59 -3.97
N ASP A 213 -27.09 -20.06 -3.50
CA ASP A 213 -27.41 -20.19 -2.08
C ASP A 213 -27.75 -21.66 -1.86
N LYS A 214 -26.75 -22.45 -1.46
CA LYS A 214 -26.90 -23.88 -1.22
C LYS A 214 -27.06 -24.19 0.26
N ARG A 215 -28.14 -24.90 0.58
CA ARG A 215 -28.40 -25.31 1.96
C ARG A 215 -27.69 -26.63 2.23
N VAL A 216 -26.98 -26.70 3.34
CA VAL A 216 -26.25 -27.89 3.73
C VAL A 216 -27.12 -28.70 4.68
N GLU A 217 -27.52 -29.89 4.24
CA GLU A 217 -28.36 -30.74 5.07
C GLU A 217 -27.58 -31.94 5.58
N PRO A 218 -27.80 -32.34 6.84
CA PRO A 218 -27.08 -33.50 7.38
C PRO A 218 -27.40 -34.77 6.61
N LYS A 219 -26.40 -35.65 6.53
CA LYS A 219 -26.50 -36.94 5.84
C LYS A 219 -27.81 -37.67 6.10
N ILE B 2 25.70 -16.41 -2.64
CA ILE B 2 24.75 -16.19 -3.71
C ILE B 2 23.48 -17.01 -3.39
N VAL B 3 23.60 -17.93 -2.44
CA VAL B 3 22.49 -18.74 -1.97
C VAL B 3 22.35 -18.46 -0.48
N LEU B 4 21.19 -17.96 -0.08
CA LEU B 4 20.93 -17.59 1.30
C LEU B 4 20.03 -18.63 1.97
N THR B 5 20.42 -19.05 3.18
CA THR B 5 19.70 -20.03 3.97
C THR B 5 19.24 -19.37 5.26
N GLN B 6 17.97 -19.58 5.63
CA GLN B 6 17.40 -18.99 6.82
C GLN B 6 17.01 -20.05 7.84
N SER B 7 17.33 -19.78 9.11
CA SER B 7 17.02 -20.66 10.22
C SER B 7 16.53 -19.78 11.37
N PRO B 8 15.42 -20.15 12.03
CA PRO B 8 14.63 -21.35 11.78
C PRO B 8 13.65 -21.15 10.64
N GLY B 9 12.70 -22.08 10.48
CA GLY B 9 11.71 -21.94 9.43
C GLY B 9 10.43 -21.36 10.00
N THR B 10 10.21 -21.60 11.28
CA THR B 10 9.03 -21.10 12.00
C THR B 10 9.46 -20.80 13.43
N LEU B 11 9.28 -19.55 13.86
CA LEU B 11 9.64 -19.13 15.21
C LEU B 11 8.38 -18.96 16.05
N SER B 12 8.14 -19.91 16.95
CA SER B 12 6.97 -19.89 17.83
C SER B 12 7.35 -19.14 19.11
N LEU B 13 6.98 -17.86 19.18
CA LEU B 13 7.30 -17.03 20.34
C LEU B 13 6.07 -16.25 20.78
N SER B 14 6.04 -15.92 22.10
CA SER B 14 4.97 -15.18 22.74
C SER B 14 5.28 -13.68 22.72
N PRO B 15 4.26 -12.83 22.70
CA PRO B 15 4.53 -11.38 22.68
C PRO B 15 5.29 -10.95 23.92
N GLY B 16 6.27 -10.08 23.72
CA GLY B 16 7.12 -9.58 24.78
C GLY B 16 8.48 -10.23 24.87
N GLU B 17 8.68 -11.36 24.19
CA GLU B 17 9.94 -12.09 24.21
C GLU B 17 10.88 -11.61 23.11
N ARG B 18 12.13 -12.07 23.20
CA ARG B 18 13.16 -11.75 22.22
C ARG B 18 13.12 -12.78 21.10
N ALA B 19 13.58 -12.37 19.92
CA ALA B 19 13.59 -13.25 18.76
C ALA B 19 14.92 -13.11 18.02
N THR B 20 15.46 -14.23 17.56
CA THR B 20 16.73 -14.24 16.83
C THR B 20 16.58 -15.06 15.57
N LEU B 21 16.74 -14.42 14.41
CA LEU B 21 16.64 -15.06 13.13
C LEU B 21 18.02 -15.01 12.47
N SER B 22 18.48 -16.15 11.96
CA SER B 22 19.81 -16.26 11.35
C SER B 22 19.73 -16.49 9.85
N CYS B 23 20.69 -15.91 9.13
CA CYS B 23 20.81 -16.03 7.68
C CYS B 23 22.26 -16.36 7.34
N ARG B 24 22.51 -17.60 6.95
CA ARG B 24 23.82 -18.10 6.55
C ARG B 24 23.91 -18.09 5.03
N ALA B 25 24.99 -17.50 4.51
CA ALA B 25 25.29 -17.38 3.10
C ALA B 25 26.29 -18.45 2.70
N SER B 26 26.43 -18.64 1.39
CA SER B 26 27.38 -19.61 0.87
C SER B 26 28.75 -18.97 0.64
N GLN B 27 28.76 -17.66 0.40
CA GLN B 27 29.95 -16.87 0.18
C GLN B 27 29.86 -15.61 1.04
N SER B 28 30.87 -14.75 0.92
CA SER B 28 30.90 -13.51 1.68
C SER B 28 30.18 -12.41 0.92
N VAL B 29 29.37 -11.64 1.64
CA VAL B 29 28.63 -10.54 1.04
C VAL B 29 29.54 -9.31 1.00
N ARG B 30 29.65 -8.70 -0.18
CA ARG B 30 30.51 -7.54 -0.32
C ARG B 30 29.91 -6.35 0.42
N ARG B 31 30.78 -5.58 1.09
CA ARG B 31 30.38 -4.40 1.86
C ARG B 31 29.26 -4.72 2.86
N ASN B 32 29.16 -5.99 3.25
CA ASN B 32 28.12 -6.46 4.16
C ASN B 32 26.76 -5.94 3.70
N TYR B 33 26.49 -6.17 2.42
CA TYR B 33 25.27 -5.72 1.76
C TYR B 33 24.14 -6.74 1.91
N LEU B 34 23.70 -6.93 3.15
CA LEU B 34 22.61 -7.84 3.46
C LEU B 34 21.49 -7.06 4.13
N ALA B 35 20.26 -7.27 3.66
CA ALA B 35 19.08 -6.59 4.20
C ALA B 35 18.06 -7.59 4.71
N TRP B 36 17.28 -7.18 5.69
CA TRP B 36 16.23 -7.99 6.30
C TRP B 36 14.88 -7.33 6.04
N TYR B 37 13.90 -8.12 5.63
CA TYR B 37 12.57 -7.64 5.32
C TYR B 37 11.49 -8.36 6.13
N GLN B 38 10.36 -7.69 6.29
CA GLN B 38 9.20 -8.23 6.98
C GLN B 38 8.02 -8.14 6.03
N GLN B 39 7.38 -9.27 5.77
CA GLN B 39 6.22 -9.32 4.88
C GLN B 39 5.01 -9.78 5.69
N LYS B 40 3.98 -8.95 5.74
CA LYS B 40 2.77 -9.29 6.46
C LYS B 40 1.79 -9.98 5.51
N PRO B 41 0.92 -10.84 6.05
CA PRO B 41 -0.04 -11.55 5.19
C PRO B 41 -0.91 -10.58 4.41
N GLY B 42 -1.00 -10.83 3.09
CA GLY B 42 -1.79 -10.00 2.22
C GLY B 42 -1.14 -8.69 1.82
N GLN B 43 0.03 -8.38 2.36
CA GLN B 43 0.76 -7.15 2.09
C GLN B 43 2.07 -7.44 1.38
N ALA B 44 2.65 -6.38 0.84
CA ALA B 44 3.94 -6.42 0.16
C ALA B 44 5.06 -6.36 1.19
N PRO B 45 6.25 -6.87 0.85
CA PRO B 45 7.35 -6.85 1.82
C PRO B 45 7.76 -5.42 2.18
N ARG B 46 8.20 -5.24 3.44
CA ARG B 46 8.62 -3.91 3.86
C ARG B 46 10.03 -4.00 4.43
N LEU B 47 10.90 -3.10 3.95
CA LEU B 47 12.30 -3.12 4.38
C LEU B 47 12.38 -2.80 5.87
N LEU B 48 13.19 -3.58 6.58
CA LEU B 48 13.39 -3.39 8.00
C LEU B 48 14.78 -2.90 8.33
N ILE B 49 15.80 -3.63 7.90
CA ILE B 49 17.19 -3.27 8.14
C ILE B 49 17.96 -3.44 6.84
N PHE B 50 18.90 -2.53 6.59
CA PHE B 50 19.73 -2.57 5.40
C PHE B 50 21.19 -2.42 5.80
N GLY B 51 22.08 -2.99 5.00
CA GLY B 51 23.48 -2.93 5.35
C GLY B 51 23.86 -3.82 6.51
N ALA B 52 23.03 -4.82 6.81
CA ALA B 52 23.22 -5.79 7.87
C ALA B 52 23.06 -5.20 9.28
N SER B 53 23.34 -3.91 9.45
CA SER B 53 23.22 -3.31 10.77
C SER B 53 22.63 -1.90 10.79
N SER B 54 22.22 -1.34 9.66
CA SER B 54 21.65 0.01 9.62
C SER B 54 20.14 -0.06 9.45
N ARG B 55 19.42 0.64 10.32
CA ARG B 55 17.97 0.67 10.24
C ARG B 55 17.49 1.70 9.22
N ALA B 56 16.33 1.44 8.64
CA ALA B 56 15.73 2.33 7.65
C ALA B 56 14.80 3.32 8.33
N THR B 57 14.07 4.11 7.53
CA THR B 57 13.15 5.10 8.06
C THR B 57 11.86 4.44 8.52
N GLY B 58 11.43 4.77 9.74
CA GLY B 58 10.22 4.22 10.29
C GLY B 58 10.36 2.90 11.01
N ILE B 59 11.57 2.35 11.08
CA ILE B 59 11.75 1.08 11.78
C ILE B 59 12.06 1.29 13.25
N PRO B 60 11.35 0.57 14.10
CA PRO B 60 11.51 0.69 15.54
C PRO B 60 12.85 0.16 16.02
N ASP B 61 13.25 0.67 17.19
CA ASP B 61 14.53 0.27 17.76
C ASP B 61 14.53 -1.15 18.27
N ARG B 62 13.35 -1.78 18.46
CA ARG B 62 13.33 -3.16 18.92
C ARG B 62 13.97 -4.07 17.88
N PHE B 63 13.79 -3.76 16.60
CA PHE B 63 14.40 -4.53 15.54
C PHE B 63 15.87 -4.13 15.48
N SER B 64 16.76 -5.10 15.68
CA SER B 64 18.19 -4.83 15.67
C SER B 64 18.87 -5.83 14.76
N GLY B 65 19.80 -5.34 13.96
CA GLY B 65 20.51 -6.20 13.01
C GLY B 65 22.02 -6.14 13.14
N SER B 66 22.66 -7.29 12.90
CA SER B 66 24.10 -7.42 12.94
C SER B 66 24.47 -8.61 12.07
N GLY B 67 25.65 -8.56 11.47
CA GLY B 67 26.10 -9.66 10.63
C GLY B 67 27.38 -9.30 9.92
N SER B 68 28.02 -10.33 9.37
CA SER B 68 29.27 -10.14 8.64
C SER B 68 29.61 -11.39 7.85
N GLY B 69 30.04 -11.20 6.60
CA GLY B 69 30.43 -12.28 5.72
C GLY B 69 29.36 -13.28 5.36
N THR B 70 29.29 -14.39 6.11
CA THR B 70 28.30 -15.43 5.86
C THR B 70 27.28 -15.59 6.97
N ASP B 71 27.50 -15.02 8.15
CA ASP B 71 26.58 -15.13 9.27
C ASP B 71 25.95 -13.78 9.54
N PHE B 72 24.61 -13.74 9.53
CA PHE B 72 23.86 -12.53 9.79
C PHE B 72 22.72 -12.86 10.73
N THR B 73 22.26 -11.88 11.50
CA THR B 73 21.19 -12.15 12.46
C THR B 73 20.31 -10.92 12.66
N LEU B 74 19.02 -11.17 12.85
CA LEU B 74 18.01 -10.14 13.11
C LEU B 74 17.43 -10.42 14.48
N THR B 75 17.50 -9.44 15.38
CA THR B 75 17.00 -9.60 16.74
C THR B 75 15.90 -8.60 17.05
N ILE B 76 14.90 -9.07 17.81
CA ILE B 76 13.79 -8.25 18.28
C ILE B 76 13.87 -8.26 19.80
N SER B 77 14.04 -7.08 20.40
CA SER B 77 14.18 -7.00 21.85
C SER B 77 12.92 -7.49 22.57
N ARG B 78 11.76 -6.97 22.19
CA ARG B 78 10.50 -7.36 22.81
C ARG B 78 9.47 -7.54 21.70
N LEU B 79 8.92 -8.75 21.60
CA LEU B 79 7.96 -9.06 20.56
C LEU B 79 6.58 -8.48 20.86
N GLU B 80 6.05 -7.73 19.91
CA GLU B 80 4.74 -7.12 19.95
C GLU B 80 3.85 -7.77 18.90
N PRO B 81 2.52 -7.68 19.04
CA PRO B 81 1.64 -8.33 18.05
C PRO B 81 1.87 -7.83 16.62
N GLU B 82 2.33 -6.60 16.44
CA GLU B 82 2.58 -6.07 15.11
C GLU B 82 3.83 -6.64 14.46
N ASP B 83 4.72 -7.28 15.21
CA ASP B 83 5.95 -7.84 14.69
C ASP B 83 5.83 -9.28 14.20
N PHE B 84 4.69 -9.94 14.43
CA PHE B 84 4.52 -11.33 14.02
C PHE B 84 4.21 -11.39 12.52
N ALA B 85 5.18 -11.81 11.73
CA ALA B 85 5.02 -11.92 10.28
C ALA B 85 6.11 -12.86 9.76
N VAL B 86 6.40 -12.77 8.47
CA VAL B 86 7.41 -13.59 7.82
C VAL B 86 8.59 -12.69 7.46
N TYR B 87 9.79 -13.10 7.84
CA TYR B 87 11.00 -12.32 7.60
C TYR B 87 11.90 -12.98 6.55
N TYR B 88 12.54 -12.15 5.73
CA TYR B 88 13.43 -12.60 4.67
C TYR B 88 14.73 -11.81 4.70
N CYS B 89 15.82 -12.47 4.30
CA CYS B 89 17.12 -11.84 4.20
C CYS B 89 17.51 -11.77 2.73
N GLN B 90 18.13 -10.67 2.31
CA GLN B 90 18.51 -10.52 0.92
C GLN B 90 19.93 -9.98 0.78
N GLN B 91 20.69 -10.58 -0.13
CA GLN B 91 22.03 -10.16 -0.46
C GLN B 91 21.96 -9.32 -1.73
N TYR B 92 22.64 -8.18 -1.74
CA TYR B 92 22.63 -7.32 -2.92
C TYR B 92 24.06 -6.95 -3.28
N ASP B 93 24.33 -6.90 -4.58
CA ASP B 93 25.64 -6.57 -5.11
C ASP B 93 25.48 -5.56 -6.23
N SER B 94 26.58 -4.91 -6.58
CA SER B 94 26.56 -3.89 -7.63
C SER B 94 27.13 -4.34 -8.96
N SER B 95 28.19 -5.14 -8.98
CA SER B 95 28.81 -5.59 -10.22
C SER B 95 29.14 -7.07 -10.14
N PRO B 96 28.26 -7.94 -10.67
CA PRO B 96 26.99 -7.60 -11.31
C PRO B 96 25.83 -7.58 -10.32
N PRO B 97 24.74 -6.89 -10.65
CA PRO B 97 23.58 -6.87 -9.73
C PRO B 97 23.09 -8.29 -9.53
N ILE B 98 23.05 -8.72 -8.26
CA ILE B 98 22.63 -10.07 -7.93
C ILE B 98 21.22 -10.07 -7.34
N PHE B 99 21.09 -9.56 -6.11
CA PHE B 99 19.80 -9.50 -5.42
C PHE B 99 19.18 -10.87 -5.24
N THR B 100 19.59 -11.60 -4.21
CA THR B 100 19.06 -12.92 -3.91
C THR B 100 18.43 -12.92 -2.53
N PHE B 101 17.32 -13.63 -2.39
CA PHE B 101 16.56 -13.73 -1.14
C PHE B 101 16.76 -15.07 -0.46
N GLY B 102 16.32 -15.13 0.79
CA GLY B 102 16.39 -16.33 1.58
C GLY B 102 15.05 -17.06 1.51
N PRO B 103 14.98 -18.25 2.11
CA PRO B 103 13.71 -19.00 2.08
C PRO B 103 12.57 -18.27 2.77
N GLY B 104 12.74 -17.95 4.05
CA GLY B 104 11.71 -17.25 4.80
C GLY B 104 11.42 -17.87 6.14
N THR B 105 11.33 -17.03 7.18
CA THR B 105 11.04 -17.47 8.53
C THR B 105 9.75 -16.82 9.00
N LYS B 106 8.81 -17.64 9.48
CA LYS B 106 7.53 -17.15 9.96
C LYS B 106 7.53 -17.11 11.48
N VAL B 107 7.28 -15.94 12.04
CA VAL B 107 7.20 -15.76 13.48
C VAL B 107 5.73 -15.72 13.83
N ASP B 108 5.27 -16.68 14.63
CA ASP B 108 3.87 -16.76 15.00
C ASP B 108 3.72 -16.65 16.52
N ILE B 109 2.47 -16.56 16.95
CA ILE B 109 2.15 -16.41 18.36
C ILE B 109 2.17 -17.78 19.03
N LYS B 110 2.97 -17.92 20.10
CA LYS B 110 3.05 -19.17 20.83
C LYS B 110 1.78 -19.42 21.60
N ARG B 111 1.35 -20.68 21.63
CA ARG B 111 0.14 -21.07 22.35
C ARG B 111 0.27 -22.55 22.73
N THR B 112 -0.71 -23.03 23.48
CA THR B 112 -0.71 -24.42 23.91
C THR B 112 -0.83 -25.34 22.69
N VAL B 113 -0.25 -26.53 22.82
CA VAL B 113 -0.27 -27.51 21.74
C VAL B 113 -1.70 -27.97 21.49
N ALA B 114 -2.35 -27.34 20.51
CA ALA B 114 -3.73 -27.66 20.17
C ALA B 114 -3.76 -28.78 19.13
N ALA B 115 -4.43 -29.88 19.48
CA ALA B 115 -4.55 -30.99 18.54
C ALA B 115 -5.53 -30.61 17.43
N PRO B 116 -5.31 -31.07 16.21
CA PRO B 116 -6.22 -30.73 15.11
C PRO B 116 -7.46 -31.61 15.11
N SER B 117 -8.63 -30.99 15.18
CA SER B 117 -9.88 -31.73 15.12
C SER B 117 -10.06 -32.13 13.66
N VAL B 118 -9.98 -33.41 13.36
CA VAL B 118 -10.08 -33.91 11.99
C VAL B 118 -11.49 -34.39 11.70
N PHE B 119 -12.01 -33.98 10.54
CA PHE B 119 -13.34 -34.35 10.06
C PHE B 119 -13.21 -34.68 8.58
N ILE B 120 -13.78 -35.81 8.16
CA ILE B 120 -13.73 -36.23 6.77
C ILE B 120 -15.12 -36.08 6.15
N PHE B 121 -15.17 -35.46 4.96
CA PHE B 121 -16.42 -35.24 4.25
C PHE B 121 -16.49 -36.03 2.95
N PRO B 122 -17.31 -37.07 2.84
CA PRO B 122 -17.41 -37.76 1.55
C PRO B 122 -18.07 -36.86 0.54
N PRO B 123 -17.77 -37.04 -0.75
CA PRO B 123 -18.38 -36.17 -1.78
C PRO B 123 -19.88 -36.35 -1.89
N SER B 124 -20.55 -35.27 -2.25
CA SER B 124 -21.99 -35.25 -2.40
C SER B 124 -22.42 -36.03 -3.64
N ASP B 125 -23.60 -36.66 -3.54
CA ASP B 125 -24.13 -37.41 -4.67
C ASP B 125 -24.33 -36.52 -5.88
N GLU B 126 -24.59 -35.24 -5.65
CA GLU B 126 -24.77 -34.30 -6.76
C GLU B 126 -23.48 -34.21 -7.56
N GLN B 127 -22.32 -34.24 -6.88
CA GLN B 127 -21.05 -34.21 -7.58
C GLN B 127 -20.84 -35.49 -8.38
N LEU B 128 -21.20 -36.63 -7.80
CA LEU B 128 -21.08 -37.90 -8.51
C LEU B 128 -21.99 -37.91 -9.72
N LYS B 129 -23.11 -37.18 -9.65
CA LYS B 129 -24.04 -37.06 -10.76
C LYS B 129 -23.50 -36.12 -11.82
N SER B 130 -22.44 -35.37 -11.51
CA SER B 130 -21.81 -34.44 -12.41
C SER B 130 -20.52 -35.00 -13.02
N GLY B 131 -20.20 -36.26 -12.72
CA GLY B 131 -19.01 -36.90 -13.26
C GLY B 131 -17.70 -36.57 -12.58
N THR B 132 -17.72 -36.22 -11.30
CA THR B 132 -16.51 -35.90 -10.56
C THR B 132 -16.65 -36.43 -9.15
N ALA B 133 -15.55 -36.44 -8.40
CA ALA B 133 -15.54 -36.96 -7.05
C ALA B 133 -14.44 -36.29 -6.24
N SER B 134 -14.80 -35.70 -5.10
CA SER B 134 -13.81 -35.03 -4.26
C SER B 134 -14.13 -35.27 -2.79
N VAL B 135 -13.14 -35.80 -2.06
CA VAL B 135 -13.25 -36.06 -0.63
C VAL B 135 -12.49 -34.95 0.06
N VAL B 136 -13.01 -34.48 1.19
CA VAL B 136 -12.38 -33.37 1.92
C VAL B 136 -12.03 -33.79 3.33
N CYS B 137 -10.86 -33.35 3.78
CA CYS B 137 -10.35 -33.59 5.13
C CYS B 137 -10.16 -32.22 5.75
N LEU B 138 -10.63 -32.05 6.99
CA LEU B 138 -10.55 -30.77 7.67
C LEU B 138 -9.80 -30.89 9.00
N LEU B 139 -8.82 -30.00 9.19
CA LEU B 139 -8.03 -29.90 10.42
C LEU B 139 -8.37 -28.52 10.98
N ASN B 140 -9.13 -28.49 12.08
CA ASN B 140 -9.57 -27.24 12.67
C ASN B 140 -8.87 -26.94 13.99
N ASN B 141 -8.41 -25.69 14.12
CA ASN B 141 -7.77 -25.17 15.33
C ASN B 141 -6.64 -26.04 15.86
N PHE B 142 -5.44 -25.90 15.30
CA PHE B 142 -4.31 -26.69 15.75
C PHE B 142 -3.07 -25.80 15.83
N TYR B 143 -2.16 -26.17 16.73
CA TYR B 143 -0.91 -25.48 16.93
C TYR B 143 0.05 -26.55 17.42
N PRO B 144 1.25 -26.66 16.85
CA PRO B 144 1.83 -25.86 15.75
C PRO B 144 1.25 -26.16 14.37
N ARG B 145 1.56 -25.30 13.40
CA ARG B 145 1.07 -25.48 12.03
C ARG B 145 1.57 -26.79 11.44
N GLU B 146 2.74 -27.26 11.88
CA GLU B 146 3.31 -28.50 11.36
C GLU B 146 2.31 -29.64 11.46
N ALA B 147 1.80 -30.08 10.31
CA ALA B 147 0.82 -31.15 10.25
C ALA B 147 1.01 -31.87 8.92
N LYS B 148 0.93 -33.19 8.95
CA LYS B 148 1.08 -34.00 7.76
C LYS B 148 -0.25 -34.66 7.45
N VAL B 149 -0.81 -34.33 6.29
CA VAL B 149 -2.07 -34.89 5.84
C VAL B 149 -1.73 -35.78 4.65
N GLN B 150 -1.95 -37.08 4.81
CA GLN B 150 -1.64 -38.05 3.77
C GLN B 150 -2.92 -38.76 3.37
N TRP B 151 -3.28 -38.67 2.10
CA TRP B 151 -4.47 -39.35 1.62
C TRP B 151 -4.06 -40.78 1.28
N LYS B 152 -4.86 -41.73 1.74
CA LYS B 152 -4.59 -43.15 1.50
C LYS B 152 -5.88 -43.80 1.05
N VAL B 153 -5.95 -44.12 -0.24
CA VAL B 153 -7.12 -44.77 -0.82
C VAL B 153 -6.80 -46.26 -0.88
N ASP B 154 -7.50 -47.03 -0.06
CA ASP B 154 -7.30 -48.48 -0.02
C ASP B 154 -5.86 -48.85 0.33
N ASN B 155 -5.34 -48.20 1.37
CA ASN B 155 -3.97 -48.40 1.85
C ASN B 155 -2.92 -48.02 0.82
N ALA B 156 -3.30 -47.26 -0.20
CA ALA B 156 -2.37 -46.81 -1.23
C ALA B 156 -2.18 -45.31 -1.06
N LEU B 157 -0.93 -44.90 -0.87
CA LEU B 157 -0.64 -43.48 -0.69
C LEU B 157 -0.94 -42.71 -1.96
N GLN B 158 -1.47 -41.50 -1.80
CA GLN B 158 -1.80 -40.64 -2.93
C GLN B 158 -0.97 -39.37 -2.85
N SER B 159 -0.24 -39.08 -3.92
CA SER B 159 0.60 -37.91 -4.02
C SER B 159 0.32 -37.27 -5.37
N GLY B 160 0.08 -35.97 -5.36
CA GLY B 160 -0.26 -35.23 -6.56
C GLY B 160 -1.74 -35.14 -6.82
N ASN B 161 -2.56 -35.93 -6.12
CA ASN B 161 -4.00 -35.90 -6.25
C ASN B 161 -4.67 -35.10 -5.15
N SER B 162 -3.89 -34.60 -4.19
CA SER B 162 -4.42 -33.82 -3.07
C SER B 162 -3.88 -32.40 -3.11
N GLN B 163 -4.79 -31.43 -2.94
CA GLN B 163 -4.43 -30.02 -2.91
C GLN B 163 -4.87 -29.50 -1.54
N GLU B 164 -3.94 -28.92 -0.79
CA GLU B 164 -4.20 -28.43 0.55
C GLU B 164 -4.09 -26.91 0.63
N SER B 165 -4.79 -26.36 1.61
CA SER B 165 -4.79 -24.92 1.89
C SER B 165 -4.84 -24.75 3.40
N VAL B 166 -4.02 -23.82 3.91
CA VAL B 166 -3.93 -23.56 5.34
C VAL B 166 -4.29 -22.11 5.62
N THR B 167 -5.06 -21.90 6.68
CA THR B 167 -5.45 -20.56 7.08
C THR B 167 -4.31 -19.86 7.82
N GLU B 168 -4.45 -18.55 7.94
CA GLU B 168 -3.47 -17.76 8.67
C GLU B 168 -3.80 -17.85 10.15
N GLN B 169 -2.80 -17.61 11.00
CA GLN B 169 -3.05 -17.70 12.43
C GLN B 169 -4.16 -16.72 12.79
N ASP B 170 -5.20 -17.23 13.46
CA ASP B 170 -6.34 -16.40 13.84
C ASP B 170 -5.90 -15.39 14.89
N SER B 171 -6.48 -14.18 14.81
CA SER B 171 -6.12 -13.08 15.69
C SER B 171 -6.62 -13.24 17.12
N LYS B 172 -7.50 -14.20 17.39
CA LYS B 172 -7.99 -14.39 18.75
C LYS B 172 -7.62 -15.75 19.31
N ASP B 173 -7.65 -16.80 18.49
CA ASP B 173 -7.31 -18.14 18.96
C ASP B 173 -5.86 -18.54 18.69
N SER B 174 -5.16 -17.84 17.80
CA SER B 174 -3.77 -18.13 17.45
C SER B 174 -3.59 -19.58 17.00
N THR B 175 -4.55 -20.08 16.22
CA THR B 175 -4.52 -21.44 15.70
C THR B 175 -4.55 -21.42 14.18
N TYR B 176 -4.40 -22.60 13.60
CA TYR B 176 -4.39 -22.79 12.16
C TYR B 176 -5.45 -23.81 11.78
N SER B 177 -5.78 -23.83 10.49
CA SER B 177 -6.76 -24.77 9.97
C SER B 177 -6.32 -25.16 8.57
N LEU B 178 -6.57 -26.43 8.22
CA LEU B 178 -6.16 -26.98 6.93
C LEU B 178 -7.33 -27.69 6.25
N SER B 179 -7.39 -27.57 4.92
CA SER B 179 -8.40 -28.22 4.10
C SER B 179 -7.68 -29.02 3.03
N SER B 180 -7.95 -30.32 2.98
CA SER B 180 -7.34 -31.22 2.01
C SER B 180 -8.43 -31.78 1.12
N THR B 181 -8.24 -31.65 -0.19
CA THR B 181 -9.22 -32.13 -1.17
C THR B 181 -8.57 -33.17 -2.06
N LEU B 182 -9.10 -34.40 -2.05
CA LEU B 182 -8.62 -35.47 -2.90
C LEU B 182 -9.65 -35.60 -4.00
N THR B 183 -9.24 -35.25 -5.23
CA THR B 183 -10.14 -35.27 -6.38
C THR B 183 -9.80 -36.44 -7.30
N LEU B 184 -10.75 -37.35 -7.44
CA LEU B 184 -10.62 -38.51 -8.30
C LEU B 184 -11.80 -38.52 -9.27
N SER B 185 -11.61 -39.20 -10.40
CA SER B 185 -12.68 -39.28 -11.38
C SER B 185 -13.82 -40.11 -10.80
N LYS B 186 -15.03 -39.85 -11.29
CA LYS B 186 -16.19 -40.59 -10.78
C LYS B 186 -15.99 -42.09 -10.97
N ALA B 187 -15.40 -42.49 -12.10
CA ALA B 187 -15.15 -43.91 -12.33
C ALA B 187 -14.10 -44.46 -11.38
N ASP B 188 -13.01 -43.70 -11.16
CA ASP B 188 -11.95 -44.15 -10.27
C ASP B 188 -12.47 -44.30 -8.84
N TYR B 189 -13.45 -43.49 -8.47
CA TYR B 189 -14.02 -43.54 -7.12
C TYR B 189 -14.75 -44.86 -6.87
N GLU B 190 -15.59 -45.28 -7.82
CA GLU B 190 -16.37 -46.50 -7.63
C GLU B 190 -15.49 -47.73 -7.44
N LYS B 191 -14.31 -47.76 -8.06
CA LYS B 191 -13.42 -48.90 -7.94
C LYS B 191 -13.00 -49.15 -6.48
N HIS B 192 -12.61 -48.09 -5.77
CA HIS B 192 -12.14 -48.20 -4.40
C HIS B 192 -13.28 -48.12 -3.38
N LYS B 193 -12.94 -48.42 -2.12
CA LYS B 193 -13.91 -48.39 -1.03
C LYS B 193 -13.42 -47.59 0.16
N VAL B 194 -12.23 -47.92 0.68
CA VAL B 194 -11.67 -47.23 1.84
C VAL B 194 -10.93 -45.97 1.43
N TYR B 195 -11.33 -44.84 1.98
CA TYR B 195 -10.69 -43.55 1.74
C TYR B 195 -10.29 -43.04 3.11
N ALA B 196 -9.00 -42.84 3.34
CA ALA B 196 -8.53 -42.41 4.64
C ALA B 196 -7.65 -41.16 4.54
N CYS B 197 -7.70 -40.38 5.61
CA CYS B 197 -6.93 -39.14 5.75
C CYS B 197 -6.09 -39.29 7.02
N GLU B 198 -4.82 -39.63 6.86
CA GLU B 198 -3.92 -39.81 7.99
C GLU B 198 -3.34 -38.45 8.38
N VAL B 199 -3.48 -38.10 9.66
CA VAL B 199 -3.02 -36.83 10.18
C VAL B 199 -1.94 -37.07 11.23
N THR B 200 -0.78 -36.46 11.02
CA THR B 200 0.35 -36.54 11.94
C THR B 200 0.57 -35.15 12.53
N HIS B 201 0.48 -35.05 13.86
CA HIS B 201 0.64 -33.77 14.54
C HIS B 201 1.23 -34.01 15.92
N GLN B 202 1.59 -32.91 16.59
CA GLN B 202 2.18 -33.01 17.93
C GLN B 202 1.11 -33.26 18.99
N GLY B 203 -0.08 -32.67 18.83
CA GLY B 203 -1.14 -32.87 19.80
C GLY B 203 -1.66 -34.30 19.82
N LEU B 204 -1.56 -35.00 18.69
CA LEU B 204 -2.04 -36.38 18.60
C LEU B 204 -0.93 -37.31 19.11
N SER B 205 -1.20 -38.02 20.20
CA SER B 205 -0.20 -38.95 20.75
C SER B 205 0.13 -40.07 19.76
N SER B 206 -0.85 -40.49 18.97
CA SER B 206 -0.77 -41.51 17.96
C SER B 206 -1.41 -40.97 16.70
N PRO B 207 -1.01 -41.43 15.52
CA PRO B 207 -1.63 -40.90 14.29
C PRO B 207 -3.12 -41.14 14.27
N VAL B 208 -3.87 -40.14 13.84
CA VAL B 208 -5.32 -40.22 13.75
C VAL B 208 -5.69 -40.29 12.27
N THR B 209 -6.50 -41.28 11.92
CA THR B 209 -6.93 -41.49 10.54
C THR B 209 -8.44 -41.45 10.47
N LYS B 210 -8.97 -40.55 9.67
CA LYS B 210 -10.41 -40.41 9.47
C LYS B 210 -10.70 -41.04 8.11
N SER B 211 -11.60 -42.03 8.10
CA SER B 211 -11.90 -42.75 6.87
C SER B 211 -13.40 -42.92 6.66
N PHE B 212 -13.73 -43.26 5.41
CA PHE B 212 -15.10 -43.51 4.99
C PHE B 212 -15.07 -44.61 3.94
N ASN B 213 -15.96 -45.59 4.10
CA ASN B 213 -16.09 -46.69 3.16
C ASN B 213 -17.32 -46.41 2.30
N ARG B 214 -17.20 -46.65 1.00
CA ARG B 214 -18.27 -46.42 0.04
C ARG B 214 -18.78 -44.98 0.13
N LEU C 4 -4.86 2.06 -13.66
CA LEU C 4 -3.55 1.48 -13.94
C LEU C 4 -2.61 2.57 -14.43
N VAL C 5 -2.27 2.53 -15.71
CA VAL C 5 -1.39 3.53 -16.28
C VAL C 5 -2.23 4.74 -16.68
N GLN C 6 -1.79 5.93 -16.29
CA GLN C 6 -2.49 7.16 -16.62
C GLN C 6 -1.59 8.02 -17.49
N SER C 7 -2.15 9.14 -17.96
CA SER C 7 -1.37 10.04 -18.78
C SER C 7 -0.39 10.81 -17.90
N GLY C 8 0.54 11.54 -18.53
CA GLY C 8 1.52 12.29 -17.80
C GLY C 8 1.03 13.66 -17.37
N ALA C 9 1.87 14.34 -16.58
CA ALA C 9 1.54 15.66 -16.10
C ALA C 9 1.29 16.62 -17.25
N GLU C 10 0.28 17.47 -17.10
CA GLU C 10 -0.09 18.43 -18.14
C GLU C 10 -0.07 19.85 -17.59
N VAL C 11 0.66 20.73 -18.28
CA VAL C 11 0.73 22.12 -17.88
C VAL C 11 -0.02 22.96 -18.89
N LYS C 12 -1.33 23.11 -18.70
CA LYS C 12 -2.13 23.90 -19.61
C LYS C 12 -2.26 25.32 -19.06
N LYS C 13 -2.84 26.20 -19.86
CA LYS C 13 -3.02 27.60 -19.50
C LYS C 13 -4.47 27.88 -19.15
N PRO C 14 -4.74 28.94 -18.37
CA PRO C 14 -6.13 29.24 -18.00
C PRO C 14 -6.97 29.45 -19.25
N GLY C 15 -8.17 28.89 -19.22
CA GLY C 15 -9.09 28.96 -20.34
C GLY C 15 -8.90 27.89 -21.39
N ALA C 16 -7.96 26.97 -21.19
CA ALA C 16 -7.70 25.90 -22.15
C ALA C 16 -8.52 24.66 -21.76
N SER C 17 -8.12 23.48 -22.26
CA SER C 17 -8.80 22.24 -21.97
C SER C 17 -7.78 21.13 -21.77
N VAL C 18 -8.17 20.10 -21.02
CA VAL C 18 -7.30 18.97 -20.71
C VAL C 18 -8.05 17.65 -20.93
N LYS C 19 -7.33 16.66 -21.45
CA LYS C 19 -7.86 15.32 -21.68
C LYS C 19 -6.91 14.34 -21.00
N VAL C 20 -7.39 13.69 -19.93
CA VAL C 20 -6.59 12.72 -19.18
C VAL C 20 -7.07 11.32 -19.53
N SER C 21 -6.12 10.39 -19.63
CA SER C 21 -6.41 9.00 -20.00
C SER C 21 -6.07 8.04 -18.85
N CYS C 22 -6.77 6.91 -18.85
CA CYS C 22 -6.58 5.86 -17.85
C CYS C 22 -6.71 4.51 -18.57
N GLN C 23 -5.58 3.94 -18.98
CA GLN C 23 -5.57 2.65 -19.66
C GLN C 23 -5.59 1.53 -18.63
N ALA C 24 -6.26 0.43 -18.98
CA ALA C 24 -6.35 -0.70 -18.06
C ALA C 24 -6.28 -2.02 -18.81
N SER C 25 -6.41 -3.11 -18.05
CA SER C 25 -6.37 -4.49 -18.51
C SER C 25 -7.74 -5.16 -18.34
N GLY C 26 -7.82 -6.41 -18.80
CA GLY C 26 -9.02 -7.20 -18.71
C GLY C 26 -9.41 -7.69 -17.32
N ASN C 27 -9.13 -6.90 -16.28
CA ASN C 27 -9.48 -7.30 -14.92
C ASN C 27 -9.71 -6.10 -14.02
N THR C 28 -9.00 -5.00 -14.28
CA THR C 28 -9.18 -3.80 -13.48
C THR C 28 -10.25 -2.91 -14.08
N PHE C 29 -11.01 -3.48 -15.01
CA PHE C 29 -12.13 -2.88 -15.71
C PHE C 29 -12.85 -4.05 -16.38
N THR C 30 -12.77 -4.11 -17.72
CA THR C 30 -13.40 -5.15 -18.52
C THR C 30 -14.91 -5.22 -18.31
N ASN C 31 -15.43 -4.31 -17.48
CA ASN C 31 -16.82 -4.14 -17.08
C ASN C 31 -16.79 -3.14 -15.94
N TYR C 32 -17.41 -3.51 -14.81
CA TYR C 32 -17.44 -2.71 -13.58
C TYR C 32 -17.99 -1.30 -13.84
N TYR C 33 -17.29 -0.24 -13.45
CA TYR C 33 -17.67 1.15 -13.61
C TYR C 33 -16.42 1.96 -13.34
N VAL C 34 -16.32 3.16 -13.91
CA VAL C 34 -15.14 3.99 -13.68
C VAL C 34 -15.60 5.36 -13.20
N HIS C 35 -14.80 5.96 -12.32
CA HIS C 35 -15.08 7.26 -11.75
C HIS C 35 -13.81 8.09 -11.80
N TRP C 36 -13.98 9.40 -11.86
CA TRP C 36 -12.85 10.29 -11.89
C TRP C 36 -12.89 11.14 -10.62
N VAL C 37 -11.79 11.13 -9.89
CA VAL C 37 -11.70 11.89 -8.67
C VAL C 37 -10.54 12.84 -8.81
N ARG C 38 -10.62 13.91 -8.04
CA ARG C 38 -9.64 14.96 -8.05
C ARG C 38 -9.18 15.35 -6.65
N GLN C 39 -7.92 15.72 -6.53
CA GLN C 39 -7.38 16.16 -5.23
C GLN C 39 -6.50 17.40 -5.39
N ALA C 40 -6.97 18.53 -4.88
CA ALA C 40 -6.16 19.76 -4.95
C ALA C 40 -4.91 19.59 -4.08
N PRO C 41 -3.76 20.14 -4.52
CA PRO C 41 -2.53 20.00 -3.73
C PRO C 41 -2.72 20.39 -2.27
N GLY C 42 -2.72 19.38 -1.40
CA GLY C 42 -2.90 19.61 0.02
C GLY C 42 -4.34 19.67 0.50
N GLN C 43 -5.32 19.38 -0.36
CA GLN C 43 -6.72 19.45 0.04
C GLN C 43 -7.37 18.07 0.04
N GLY C 44 -8.71 18.06 0.00
CA GLY C 44 -9.51 16.84 0.02
C GLY C 44 -9.86 16.35 -1.38
N LEU C 45 -10.78 15.37 -1.44
CA LEU C 45 -11.19 14.70 -2.67
C LEU C 45 -12.56 15.08 -3.23
N GLU C 46 -12.70 15.12 -4.55
CA GLU C 46 -13.99 15.42 -5.16
C GLU C 46 -14.26 14.47 -6.29
N TRP C 47 -15.43 13.83 -6.24
CA TRP C 47 -15.94 13.01 -7.30
C TRP C 47 -16.33 14.00 -8.40
N MET C 48 -16.12 13.63 -9.64
CA MET C 48 -16.44 14.48 -10.76
C MET C 48 -17.46 13.82 -11.68
N GLY C 49 -17.35 12.52 -11.86
CA GLY C 49 -18.29 11.82 -12.71
C GLY C 49 -18.06 10.32 -12.66
N ILE C 50 -19.01 9.59 -13.24
CA ILE C 50 -18.97 8.14 -13.30
C ILE C 50 -19.27 7.72 -14.73
N ILE C 51 -18.42 6.87 -15.29
CA ILE C 51 -18.57 6.36 -16.65
C ILE C 51 -19.10 4.94 -16.58
N SER C 52 -20.09 4.64 -17.40
CA SER C 52 -20.70 3.32 -17.45
C SER C 52 -19.71 2.30 -18.02
N PRO C 53 -19.93 1.00 -17.80
CA PRO C 53 -18.99 -0.01 -18.30
C PRO C 53 -18.85 -0.04 -19.81
N SER C 54 -19.83 0.46 -20.56
CA SER C 54 -19.75 0.43 -22.01
C SER C 54 -20.22 1.73 -22.64
N GLY C 55 -21.54 1.97 -22.65
CA GLY C 55 -22.04 3.18 -23.25
C GLY C 55 -21.79 4.38 -22.36
N ASP C 56 -22.02 5.56 -22.92
CA ASP C 56 -21.79 6.80 -22.18
C ASP C 56 -22.96 7.15 -21.26
N GLY C 57 -23.24 6.22 -20.35
CA GLY C 57 -24.28 6.45 -19.37
C GLY C 57 -23.60 7.17 -18.24
N THR C 58 -22.95 8.27 -18.57
CA THR C 58 -22.19 9.05 -17.60
C THR C 58 -23.07 10.04 -16.85
N ARG C 59 -22.83 10.12 -15.53
CA ARG C 59 -23.53 11.03 -14.63
C ARG C 59 -22.45 11.87 -13.96
N TYR C 60 -22.27 13.10 -14.41
CA TYR C 60 -21.27 14.02 -13.89
C TYR C 60 -21.78 14.79 -12.68
N ALA C 61 -20.85 15.47 -12.01
CA ALA C 61 -21.17 16.27 -10.83
C ALA C 61 -21.67 17.65 -11.27
N GLN C 62 -22.46 18.28 -10.39
CA GLN C 62 -23.03 19.58 -10.70
C GLN C 62 -21.98 20.68 -10.80
N LYS C 63 -20.99 20.67 -9.89
CA LYS C 63 -19.96 21.71 -9.96
C LYS C 63 -19.24 21.66 -11.30
N PHE C 64 -19.27 20.51 -12.01
CA PHE C 64 -18.62 20.29 -13.32
C PHE C 64 -19.55 19.92 -14.40
N GLN C 65 -20.61 20.66 -14.50
CA GLN C 65 -21.56 20.37 -15.50
C GLN C 65 -21.26 21.29 -16.67
N GLY C 66 -20.98 20.69 -17.82
CA GLY C 66 -20.69 21.39 -19.04
C GLY C 66 -19.22 21.54 -19.36
N ARG C 67 -18.35 21.46 -18.36
CA ARG C 67 -16.91 21.58 -18.60
C ARG C 67 -16.21 20.23 -18.60
N VAL C 68 -16.95 19.13 -18.41
CA VAL C 68 -16.37 17.80 -18.35
C VAL C 68 -17.06 16.89 -19.35
N THR C 69 -16.32 15.86 -19.79
CA THR C 69 -16.82 14.87 -20.74
C THR C 69 -15.98 13.62 -20.54
N MET C 70 -16.61 12.52 -20.14
CA MET C 70 -15.92 11.25 -19.92
C MET C 70 -16.41 10.20 -20.90
N THR C 71 -15.48 9.41 -21.42
CA THR C 71 -15.79 8.36 -22.38
C THR C 71 -14.93 7.14 -22.11
N ARG C 72 -15.39 5.99 -22.60
CA ARG C 72 -14.70 4.73 -22.44
C ARG C 72 -14.50 4.09 -23.81
N ASP C 73 -13.34 3.48 -24.00
CA ASP C 73 -12.98 2.79 -25.24
C ASP C 73 -12.67 1.35 -24.90
N THR C 74 -13.59 0.44 -25.23
CA THR C 74 -13.37 -0.98 -24.93
C THR C 74 -12.31 -1.61 -25.83
N SER C 75 -11.91 -0.94 -26.90
CA SER C 75 -10.88 -1.51 -27.77
C SER C 75 -9.50 -1.37 -27.12
N THR C 76 -9.23 -0.22 -26.50
CA THR C 76 -7.97 0.03 -25.81
C THR C 76 -8.15 0.00 -24.30
N THR C 77 -9.35 -0.36 -23.82
CA THR C 77 -9.67 -0.42 -22.39
C THR C 77 -9.20 0.85 -21.69
N THR C 78 -9.50 2.00 -22.29
CA THR C 78 -9.10 3.29 -21.77
C THR C 78 -10.32 4.14 -21.45
N VAL C 79 -10.15 5.01 -20.45
CA VAL C 79 -11.17 5.95 -20.01
C VAL C 79 -10.57 7.34 -20.16
N TYR C 80 -11.35 8.26 -20.71
CA TYR C 80 -10.88 9.63 -20.94
C TYR C 80 -11.78 10.63 -20.23
N MET C 81 -11.16 11.70 -19.76
CA MET C 81 -11.84 12.80 -19.10
C MET C 81 -11.40 14.08 -19.77
N GLU C 82 -12.35 14.98 -20.06
CA GLU C 82 -12.02 16.24 -20.69
C GLU C 82 -12.52 17.37 -19.79
N LEU C 83 -11.65 18.33 -19.52
CA LEU C 83 -11.98 19.48 -18.69
C LEU C 83 -11.83 20.73 -19.53
N SER C 84 -12.85 21.58 -19.53
CA SER C 84 -12.85 22.80 -20.31
C SER C 84 -12.96 23.99 -19.38
N SER C 85 -12.62 25.17 -19.91
CA SER C 85 -12.63 26.41 -19.13
C SER C 85 -11.73 26.24 -17.92
N LEU C 86 -10.54 25.71 -18.17
CA LEU C 86 -9.56 25.42 -17.13
C LEU C 86 -9.21 26.67 -16.33
N ARG C 87 -8.96 26.47 -15.03
CA ARG C 87 -8.64 27.55 -14.11
C ARG C 87 -7.69 27.03 -13.04
N SER C 88 -7.21 27.96 -12.21
CA SER C 88 -6.29 27.62 -11.12
C SER C 88 -6.93 26.68 -10.12
N GLU C 89 -8.24 26.81 -9.88
CA GLU C 89 -8.87 25.92 -8.91
C GLU C 89 -8.88 24.48 -9.39
N ASP C 90 -8.56 24.26 -10.66
CA ASP C 90 -8.51 22.94 -11.24
C ASP C 90 -7.12 22.32 -11.19
N THR C 91 -6.13 23.02 -10.65
CA THR C 91 -4.81 22.41 -10.54
C THR C 91 -4.92 21.36 -9.45
N ALA C 92 -4.75 20.09 -9.83
CA ALA C 92 -4.91 19.02 -8.86
C ALA C 92 -4.46 17.71 -9.47
N VAL C 93 -4.34 16.70 -8.63
CA VAL C 93 -3.98 15.36 -9.05
C VAL C 93 -5.29 14.64 -9.32
N TYR C 94 -5.50 14.22 -10.56
CA TYR C 94 -6.73 13.54 -10.94
C TYR C 94 -6.51 12.03 -10.92
N TYR C 95 -7.50 11.31 -10.42
CA TYR C 95 -7.43 9.86 -10.29
C TYR C 95 -8.59 9.17 -11.00
N CYS C 96 -8.31 7.95 -11.46
CA CYS C 96 -9.31 7.10 -12.10
C CYS C 96 -9.47 5.88 -11.21
N ALA C 97 -10.70 5.60 -10.81
CA ALA C 97 -10.98 4.47 -9.94
C ALA C 97 -12.15 3.68 -10.48
N ARG C 98 -12.07 2.36 -10.35
CA ARG C 98 -13.15 1.48 -10.80
C ARG C 98 -14.15 1.31 -9.68
N GLY C 99 -15.43 1.39 -10.02
CA GLY C 99 -16.45 1.21 -9.01
C GLY C 99 -16.64 -0.28 -8.75
N SER C 100 -16.73 -0.63 -7.48
CA SER C 100 -16.94 -2.02 -7.14
C SER C 100 -18.42 -2.37 -7.22
N ASN C 101 -18.72 -3.66 -7.14
CA ASN C 101 -20.11 -4.08 -7.18
C ASN C 101 -20.87 -3.56 -5.98
N TRP C 102 -20.17 -3.16 -4.92
CA TRP C 102 -20.78 -2.64 -3.71
C TRP C 102 -20.81 -1.12 -3.64
N GLY C 103 -20.11 -0.41 -4.54
CA GLY C 103 -20.14 1.04 -4.53
C GLY C 103 -18.82 1.77 -4.46
N PRO C 104 -18.08 1.59 -3.36
CA PRO C 104 -16.80 2.28 -3.17
C PRO C 104 -15.74 1.90 -4.19
N TRP C 105 -14.74 2.78 -4.33
CA TRP C 105 -13.66 2.58 -5.28
C TRP C 105 -12.71 1.51 -4.80
N ASP C 106 -12.49 0.49 -5.63
CA ASP C 106 -11.60 -0.61 -5.29
C ASP C 106 -10.17 -0.39 -5.78
N TYR C 107 -10.01 -0.07 -7.05
CA TYR C 107 -8.70 0.13 -7.67
C TYR C 107 -8.53 1.58 -8.11
N TRP C 108 -7.63 2.30 -7.45
CA TRP C 108 -7.36 3.68 -7.80
C TRP C 108 -6.18 3.73 -8.77
N GLY C 109 -5.72 4.95 -9.08
CA GLY C 109 -4.58 5.13 -9.96
C GLY C 109 -3.53 5.99 -9.28
N GLN C 110 -2.36 6.06 -9.91
CA GLN C 110 -1.29 6.88 -9.34
C GLN C 110 -1.66 8.35 -9.33
N GLY C 111 -2.41 8.79 -10.32
CA GLY C 111 -2.81 10.18 -10.41
C GLY C 111 -2.06 10.91 -11.51
N THR C 112 -2.66 12.02 -11.95
CA THR C 112 -2.09 12.84 -13.01
C THR C 112 -2.20 14.30 -12.59
N LEU C 113 -1.05 14.94 -12.34
CA LEU C 113 -1.08 16.34 -11.96
C LEU C 113 -1.40 17.17 -13.19
N VAL C 114 -2.49 17.94 -13.13
CA VAL C 114 -2.92 18.78 -14.23
C VAL C 114 -2.89 20.21 -13.69
N THR C 115 -1.78 20.90 -13.86
CA THR C 115 -1.68 22.26 -13.38
C THR C 115 -2.08 23.25 -14.45
N VAL C 116 -3.01 24.14 -14.11
CA VAL C 116 -3.47 25.19 -14.99
C VAL C 116 -3.42 26.39 -14.04
N SER C 117 -2.22 26.88 -13.79
CA SER C 117 -2.02 27.99 -12.87
C SER C 117 -0.63 28.55 -13.04
N SER C 118 -0.22 28.89 -14.26
CA SER C 118 1.12 29.38 -14.47
C SER C 118 1.26 29.96 -15.88
N ALA C 119 2.52 30.17 -16.27
CA ALA C 119 2.97 30.67 -17.55
C ALA C 119 4.49 30.61 -17.54
N SER C 120 5.07 30.12 -18.65
CA SER C 120 6.51 29.99 -18.84
C SER C 120 7.16 28.94 -17.94
N THR C 121 8.23 28.32 -18.44
CA THR C 121 8.99 27.28 -17.74
C THR C 121 10.27 27.89 -17.16
N LYS C 122 10.12 28.62 -16.05
CA LYS C 122 11.27 29.26 -15.42
C LYS C 122 12.13 28.27 -14.65
N GLY C 123 13.43 28.56 -14.61
CA GLY C 123 14.37 27.73 -13.90
C GLY C 123 14.53 28.19 -12.47
N PRO C 124 14.92 27.29 -11.57
CA PRO C 124 15.09 27.66 -10.16
C PRO C 124 16.25 28.61 -9.92
N SER C 125 16.06 29.45 -8.90
CA SER C 125 17.07 30.40 -8.44
C SER C 125 17.33 30.00 -7.00
N VAL C 126 18.50 29.39 -6.76
CA VAL C 126 18.85 28.92 -5.43
C VAL C 126 19.60 30.01 -4.68
N PHE C 127 19.10 30.37 -3.49
CA PHE C 127 19.70 31.38 -2.66
C PHE C 127 20.08 30.76 -1.32
N PRO C 128 21.16 31.23 -0.70
CA PRO C 128 21.59 30.64 0.57
C PRO C 128 20.87 31.19 1.79
N LEU C 129 20.49 30.27 2.68
CA LEU C 129 19.87 30.60 3.96
C LEU C 129 21.03 30.36 4.92
N ALA C 130 21.85 31.40 5.08
CA ALA C 130 23.08 31.32 5.88
C ALA C 130 22.81 31.21 7.38
N PRO C 131 23.61 30.39 8.08
CA PRO C 131 23.47 30.28 9.54
C PRO C 131 23.99 31.53 10.23
N SER C 132 23.50 31.76 11.44
CA SER C 132 23.91 32.92 12.23
C SER C 132 23.48 32.68 13.67
N SER C 133 23.64 33.70 14.52
CA SER C 133 23.23 33.56 15.92
C SER C 133 21.73 33.37 16.00
N LYS C 134 20.99 33.98 15.07
CA LYS C 134 19.55 33.85 14.98
C LYS C 134 19.16 32.51 14.35
N SER C 135 20.14 31.79 13.80
CA SER C 135 19.98 30.49 13.17
C SER C 135 20.60 29.38 14.01
N THR C 136 20.75 29.60 15.31
CA THR C 136 21.35 28.61 16.20
C THR C 136 20.70 28.70 17.57
N SER C 137 20.37 27.54 18.12
CA SER C 137 19.75 27.44 19.44
C SER C 137 20.06 26.05 19.96
N GLY C 138 20.96 25.95 20.92
CA GLY C 138 21.36 24.68 21.48
C GLY C 138 22.63 24.10 20.91
N GLY C 139 23.55 24.93 20.43
CA GLY C 139 24.77 24.44 19.83
C GLY C 139 24.57 23.88 18.45
N THR C 140 23.32 23.83 17.99
CA THR C 140 22.94 23.33 16.68
C THR C 140 22.59 24.53 15.80
N ALA C 141 23.20 24.59 14.62
CA ALA C 141 22.96 25.69 13.69
C ALA C 141 22.21 25.16 12.48
N ALA C 142 21.30 25.99 11.96
CA ALA C 142 20.48 25.65 10.81
C ALA C 142 20.91 26.44 9.59
N LEU C 143 21.14 25.73 8.48
CA LEU C 143 21.52 26.33 7.22
C LEU C 143 20.61 25.74 6.16
N GLY C 144 20.52 26.41 5.02
CA GLY C 144 19.65 25.87 3.99
C GLY C 144 19.73 26.62 2.69
N CYS C 145 18.83 26.23 1.78
CA CYS C 145 18.76 26.82 0.45
C CYS C 145 17.30 27.10 0.10
N LEU C 146 17.09 28.18 -0.66
CA LEU C 146 15.77 28.59 -1.11
C LEU C 146 15.70 28.44 -2.63
N VAL C 147 14.95 27.44 -3.08
CA VAL C 147 14.76 27.17 -4.51
C VAL C 147 13.56 28.02 -4.91
N LYS C 148 13.82 29.27 -5.30
CA LYS C 148 12.77 30.22 -5.62
C LYS C 148 12.58 30.45 -7.12
N ASP C 149 11.35 30.81 -7.48
CA ASP C 149 10.91 31.16 -8.83
C ASP C 149 11.25 30.07 -9.85
N TYR C 150 10.56 28.94 -9.69
CA TYR C 150 10.75 27.83 -10.61
C TYR C 150 9.40 27.23 -10.98
N PHE C 151 9.28 26.80 -12.23
CA PHE C 151 8.07 26.16 -12.69
C PHE C 151 8.43 25.28 -13.88
N PRO C 152 7.88 24.06 -13.97
CA PRO C 152 6.96 23.48 -12.99
C PRO C 152 7.66 22.56 -11.99
N GLU C 153 6.89 21.72 -11.33
CA GLU C 153 7.45 20.77 -10.39
C GLU C 153 7.99 19.57 -11.18
N PRO C 154 8.93 18.82 -10.59
CA PRO C 154 9.51 19.00 -9.26
C PRO C 154 10.98 19.37 -9.23
N VAL C 155 11.47 19.65 -8.03
CA VAL C 155 12.88 19.92 -7.79
C VAL C 155 13.29 19.02 -6.64
N THR C 156 14.40 18.32 -6.81
CA THR C 156 14.92 17.44 -5.78
C THR C 156 16.10 18.14 -5.14
N VAL C 157 16.10 18.20 -3.81
CA VAL C 157 17.18 18.85 -3.07
C VAL C 157 17.98 17.78 -2.36
N SER C 158 19.30 17.92 -2.43
CA SER C 158 20.22 17.00 -1.79
C SER C 158 21.24 17.81 -1.02
N TRP C 159 21.76 17.22 0.05
CA TRP C 159 22.76 17.88 0.88
C TRP C 159 23.99 16.99 0.93
N ASN C 160 25.11 17.52 0.46
CA ASN C 160 26.39 16.80 0.41
C ASN C 160 26.29 15.50 -0.38
N SER C 161 25.51 15.52 -1.46
CA SER C 161 25.34 14.37 -2.35
C SER C 161 24.93 13.10 -1.61
N GLY C 162 24.07 13.25 -0.61
CA GLY C 162 23.58 12.12 0.16
C GLY C 162 24.33 11.85 1.45
N ALA C 163 25.49 12.48 1.65
CA ALA C 163 26.22 12.24 2.89
C ALA C 163 25.46 12.78 4.10
N LEU C 164 24.81 13.93 3.93
CA LEU C 164 24.05 14.57 4.99
C LEU C 164 22.58 14.20 4.85
N THR C 165 22.08 13.36 5.76
CA THR C 165 20.68 12.96 5.77
C THR C 165 20.02 13.17 7.12
N SER C 166 20.78 13.42 8.17
CA SER C 166 20.23 13.63 9.50
C SER C 166 19.98 15.13 9.70
N GLY C 167 18.77 15.45 10.13
CA GLY C 167 18.38 16.83 10.35
C GLY C 167 17.93 17.57 9.11
N VAL C 168 17.88 16.89 7.96
CA VAL C 168 17.47 17.52 6.71
C VAL C 168 15.95 17.62 6.68
N HIS C 169 15.45 18.78 6.27
CA HIS C 169 14.01 19.02 6.17
C HIS C 169 13.73 19.75 4.86
N THR C 170 13.30 19.00 3.84
CA THR C 170 12.96 19.57 2.54
C THR C 170 11.47 19.87 2.58
N PHE C 171 11.12 21.12 2.90
CA PHE C 171 9.73 21.51 3.01
C PHE C 171 9.03 21.50 1.65
N PRO C 172 7.74 21.17 1.63
CA PRO C 172 6.99 21.17 0.37
C PRO C 172 6.96 22.54 -0.28
N ALA C 173 6.91 22.55 -1.60
CA ALA C 173 6.90 23.77 -2.38
C ALA C 173 5.55 24.48 -2.27
N VAL C 174 5.56 25.78 -2.56
CA VAL C 174 4.35 26.60 -2.47
C VAL C 174 4.23 27.50 -3.69
N LEU C 175 3.08 27.42 -4.37
CA LEU C 175 2.84 28.29 -5.51
C LEU C 175 2.63 29.70 -5.01
N GLN C 176 3.23 30.67 -5.68
CA GLN C 176 3.09 32.07 -5.31
C GLN C 176 2.30 32.78 -6.39
N SER C 177 2.03 34.07 -6.17
CA SER C 177 1.30 34.84 -7.17
C SER C 177 2.04 34.85 -8.50
N SER C 178 3.33 34.51 -8.47
CA SER C 178 4.15 34.45 -9.67
C SER C 178 3.66 33.39 -10.65
N GLY C 179 2.98 32.36 -10.14
CA GLY C 179 2.56 31.25 -10.96
C GLY C 179 3.62 30.18 -11.00
N LEU C 180 4.70 30.37 -10.25
CA LEU C 180 5.85 29.51 -10.11
C LEU C 180 5.87 28.94 -8.69
N TYR C 181 6.94 28.21 -8.37
CA TYR C 181 7.09 27.58 -7.07
C TYR C 181 8.35 28.05 -6.36
N SER C 182 8.41 27.75 -5.07
CA SER C 182 9.56 28.05 -4.22
C SER C 182 9.62 27.01 -3.12
N LEU C 183 10.77 26.38 -2.94
CA LEU C 183 10.97 25.35 -1.94
C LEU C 183 12.06 25.77 -0.96
N SER C 184 11.91 25.33 0.28
CA SER C 184 12.85 25.65 1.35
C SER C 184 13.40 24.36 1.97
N SER C 185 14.72 24.23 1.96
CA SER C 185 15.41 23.08 2.53
C SER C 185 16.31 23.58 3.65
N VAL C 186 16.16 23.01 4.85
CA VAL C 186 16.97 23.41 6.01
C VAL C 186 17.46 22.17 6.72
N VAL C 187 18.68 22.23 7.26
CA VAL C 187 19.27 21.12 7.99
C VAL C 187 19.99 21.67 9.21
N THR C 188 19.83 20.99 10.34
CA THR C 188 20.48 21.36 11.59
C THR C 188 21.76 20.55 11.72
N VAL C 189 22.89 21.25 11.77
CA VAL C 189 24.20 20.62 11.85
C VAL C 189 24.92 21.22 13.07
N PRO C 190 25.92 20.50 13.60
CA PRO C 190 26.64 21.05 14.76
C PRO C 190 27.28 22.38 14.36
N SER C 191 27.26 23.34 15.29
CA SER C 191 27.82 24.65 14.99
C SER C 191 29.32 24.59 14.75
N SER C 192 30.01 23.68 15.43
CA SER C 192 31.46 23.53 15.27
C SER C 192 31.81 22.87 13.95
N SER C 193 31.22 23.34 12.85
CA SER C 193 31.52 22.73 11.55
C SER C 193 31.65 23.74 10.41
N LEU C 194 31.67 25.04 10.68
CA LEU C 194 31.81 26.01 9.59
C LEU C 194 33.14 25.79 8.86
N GLY C 195 34.20 25.49 9.61
CA GLY C 195 35.50 25.22 9.04
C GLY C 195 35.84 23.75 8.98
N THR C 196 35.00 22.90 9.60
CA THR C 196 35.24 21.48 9.62
C THR C 196 34.46 20.68 8.59
N GLN C 197 33.36 21.21 8.07
CA GLN C 197 32.58 20.47 7.08
C GLN C 197 32.11 21.42 5.98
N THR C 198 31.88 20.85 4.80
CA THR C 198 31.39 21.61 3.65
C THR C 198 29.92 21.27 3.49
N TYR C 199 29.08 22.30 3.39
CA TYR C 199 27.63 22.12 3.27
C TYR C 199 27.16 22.66 1.93
N ILE C 200 26.86 21.75 1.00
CA ILE C 200 26.39 22.10 -0.34
C ILE C 200 25.02 21.49 -0.57
N CYS C 201 24.12 22.28 -1.15
CA CYS C 201 22.77 21.81 -1.47
C CYS C 201 22.71 21.57 -2.98
N ASN C 202 22.34 20.35 -3.37
CA ASN C 202 22.24 19.98 -4.78
C ASN C 202 20.77 19.96 -5.16
N VAL C 203 20.37 20.91 -6.01
CA VAL C 203 19.00 21.03 -6.48
C VAL C 203 18.95 20.62 -7.95
N ASN C 204 17.93 19.83 -8.30
CA ASN C 204 17.76 19.37 -9.67
C ASN C 204 16.34 19.66 -10.13
N HIS C 205 16.23 20.35 -11.27
CA HIS C 205 14.95 20.70 -11.87
C HIS C 205 14.97 20.12 -13.28
N LYS C 206 14.65 18.81 -13.37
CA LYS C 206 14.63 18.15 -14.67
C LYS C 206 13.69 18.81 -15.67
N PRO C 207 12.47 19.24 -15.32
CA PRO C 207 11.62 19.88 -16.33
C PRO C 207 12.27 21.09 -16.97
N SER C 208 13.11 21.82 -16.25
CA SER C 208 13.80 22.98 -16.79
C SER C 208 15.27 22.70 -17.07
N ASN C 209 15.73 21.46 -16.85
CA ASN C 209 17.12 21.04 -17.10
C ASN C 209 18.12 21.92 -16.33
N THR C 210 17.93 22.00 -15.01
CA THR C 210 18.79 22.80 -14.16
C THR C 210 19.30 22.00 -12.97
N LYS C 211 20.62 22.03 -12.77
CA LYS C 211 21.29 21.36 -11.66
C LYS C 211 22.20 22.37 -11.00
N VAL C 212 21.92 22.69 -9.73
CA VAL C 212 22.71 23.68 -8.99
C VAL C 212 23.25 23.03 -7.72
N ASP C 213 24.53 23.32 -7.43
CA ASP C 213 25.22 22.83 -6.23
C ASP C 213 25.75 24.07 -5.52
N LYS C 214 24.95 24.61 -4.60
CA LYS C 214 25.30 25.81 -3.86
C LYS C 214 25.78 25.47 -2.46
N ARG C 215 27.00 25.92 -2.12
CA ARG C 215 27.54 25.72 -0.78
C ARG C 215 27.09 26.88 0.09
N VAL C 216 26.53 26.57 1.25
CA VAL C 216 26.05 27.60 2.17
C VAL C 216 27.13 27.83 3.21
N GLU C 217 27.70 29.04 3.21
CA GLU C 217 28.74 29.38 4.15
C GLU C 217 28.20 30.38 5.17
N PRO C 218 28.59 30.24 6.43
CA PRO C 218 28.11 31.17 7.47
C PRO C 218 28.53 32.60 7.20
N LYS C 219 27.68 33.54 7.58
CA LYS C 219 27.95 34.96 7.41
C LYS C 219 27.65 35.72 8.70
N ILE D 2 -23.43 15.63 -0.30
CA ILE D 2 -24.13 16.12 0.87
C ILE D 2 -22.96 16.78 1.62
N VAL D 3 -23.07 17.12 2.91
CA VAL D 3 -21.93 17.68 3.60
C VAL D 3 -21.58 16.72 4.73
N LEU D 4 -20.41 16.09 4.61
CA LEU D 4 -19.93 15.14 5.60
C LEU D 4 -18.90 15.85 6.45
N THR D 5 -19.01 15.68 7.76
CA THR D 5 -18.09 16.33 8.69
C THR D 5 -17.33 15.25 9.44
N GLN D 6 -16.01 15.41 9.53
CA GLN D 6 -15.15 14.47 10.22
C GLN D 6 -14.56 15.14 11.45
N SER D 7 -14.63 14.44 12.57
CA SER D 7 -14.08 14.92 13.81
C SER D 7 -13.42 13.72 14.47
N PRO D 8 -12.21 13.90 15.02
CA PRO D 8 -11.53 15.19 15.02
C PRO D 8 -10.72 15.45 13.76
N GLY D 9 -9.89 16.48 13.82
CA GLY D 9 -9.04 16.83 12.70
C GLY D 9 -7.65 16.25 12.86
N THR D 10 -7.24 16.00 14.10
CA THR D 10 -5.94 15.40 14.37
C THR D 10 -6.11 14.50 15.60
N LEU D 11 -5.77 13.21 15.44
CA LEU D 11 -5.86 12.20 16.49
C LEU D 11 -4.45 11.88 16.96
N SER D 12 -4.09 12.41 18.14
CA SER D 12 -2.78 12.19 18.72
C SER D 12 -2.83 10.94 19.60
N LEU D 13 -2.44 9.81 19.04
CA LEU D 13 -2.44 8.54 19.74
C LEU D 13 -1.09 7.85 19.48
N SER D 14 -0.65 7.01 20.46
CA SER D 14 0.60 6.29 20.38
C SER D 14 0.39 4.91 19.76
N PRO D 15 1.42 4.32 19.13
CA PRO D 15 1.23 2.99 18.54
C PRO D 15 0.83 1.98 19.61
N GLY D 16 -0.13 1.13 19.27
CA GLY D 16 -0.64 0.12 20.16
C GLY D 16 -1.97 0.45 20.79
N GLU D 17 -2.39 1.72 20.75
CA GLU D 17 -3.66 2.13 21.33
C GLU D 17 -4.79 2.00 20.31
N ARG D 18 -6.01 2.13 20.81
CA ARG D 18 -7.20 2.08 19.96
C ARG D 18 -7.51 3.47 19.43
N ALA D 19 -8.16 3.53 18.27
CA ALA D 19 -8.49 4.80 17.64
C ALA D 19 -9.92 4.78 17.15
N THR D 20 -10.62 5.90 17.34
CA THR D 20 -12.01 6.05 16.92
C THR D 20 -12.14 7.34 16.13
N LEU D 21 -12.51 7.22 14.86
CA LEU D 21 -12.69 8.35 13.96
C LEU D 21 -14.18 8.42 13.63
N SER D 22 -14.77 9.61 13.75
CA SER D 22 -16.19 9.80 13.52
C SER D 22 -16.49 10.60 12.26
N CYS D 23 -17.56 10.21 11.57
CA CYS D 23 -18.03 10.88 10.35
C CYS D 23 -19.53 11.11 10.47
N ARG D 24 -19.92 12.37 10.69
CA ARG D 24 -21.33 12.74 10.80
C ARG D 24 -21.79 13.38 9.49
N ALA D 25 -22.93 12.93 8.98
CA ALA D 25 -23.49 13.43 7.74
C ALA D 25 -24.59 14.47 7.99
N SER D 26 -24.93 15.19 6.92
CA SER D 26 -25.99 16.20 6.97
C SER D 26 -27.36 15.61 6.66
N GLN D 27 -27.40 14.51 5.91
CA GLN D 27 -28.62 13.80 5.56
C GLN D 27 -28.39 12.33 5.93
N SER D 28 -29.40 11.49 5.67
CA SER D 28 -29.30 10.08 6.00
C SER D 28 -28.69 9.29 4.86
N VAL D 29 -27.77 8.38 5.20
CA VAL D 29 -27.11 7.53 4.21
C VAL D 29 -27.97 6.30 3.98
N ARG D 30 -28.36 6.09 2.72
CA ARG D 30 -29.20 4.94 2.36
C ARG D 30 -28.41 3.64 2.29
N ARG D 31 -29.05 2.55 2.72
CA ARG D 31 -28.46 1.20 2.70
C ARG D 31 -27.10 1.14 3.39
N ASN D 32 -26.87 2.02 4.36
CA ASN D 32 -25.60 2.10 5.10
C ASN D 32 -24.42 2.16 4.14
N TYR D 33 -24.52 3.09 3.18
CA TYR D 33 -23.50 3.28 2.15
C TYR D 33 -22.42 4.28 2.57
N LEU D 34 -21.64 3.94 3.58
CA LEU D 34 -20.53 4.79 4.01
C LEU D 34 -19.26 3.97 3.92
N ALA D 35 -18.24 4.54 3.28
CA ALA D 35 -16.96 3.86 3.11
C ALA D 35 -15.85 4.68 3.75
N TRP D 36 -14.82 3.98 4.21
CA TRP D 36 -13.66 4.61 4.83
C TRP D 36 -12.42 4.30 3.99
N TYR D 37 -11.62 5.33 3.72
CA TYR D 37 -10.40 5.21 2.94
C TYR D 37 -9.21 5.70 3.75
N GLN D 38 -8.03 5.21 3.41
CA GLN D 38 -6.78 5.60 4.07
C GLN D 38 -5.81 6.13 3.05
N GLN D 39 -5.31 7.35 3.25
CA GLN D 39 -4.36 7.97 2.35
C GLN D 39 -3.04 8.23 3.08
N LYS D 40 -1.97 7.66 2.57
CA LYS D 40 -0.61 7.83 3.07
C LYS D 40 0.03 9.01 2.36
N PRO D 41 0.99 9.69 2.97
CA PRO D 41 1.60 10.85 2.31
C PRO D 41 2.20 10.49 0.95
N GLY D 42 1.84 11.28 -0.07
CA GLY D 42 2.33 11.11 -1.42
C GLY D 42 1.66 10.01 -2.22
N GLN D 43 0.77 9.23 -1.64
CA GLN D 43 0.10 8.14 -2.34
C GLN D 43 -1.39 8.39 -2.44
N ALA D 44 -2.05 7.58 -3.28
CA ALA D 44 -3.48 7.70 -3.46
C ALA D 44 -4.21 6.98 -2.33
N PRO D 45 -5.43 7.43 -2.01
CA PRO D 45 -6.21 6.77 -0.95
C PRO D 45 -6.55 5.34 -1.32
N ARG D 46 -6.67 4.48 -0.30
CA ARG D 46 -7.00 3.08 -0.49
C ARG D 46 -8.24 2.75 0.34
N LEU D 47 -9.21 2.09 -0.30
CA LEU D 47 -10.45 1.73 0.38
C LEU D 47 -10.17 0.73 1.50
N LEU D 48 -10.77 0.97 2.66
CA LEU D 48 -10.61 0.11 3.82
C LEU D 48 -11.87 -0.65 4.20
N ILE D 49 -12.97 0.07 4.41
CA ILE D 49 -14.25 -0.52 4.80
C ILE D 49 -15.36 0.05 3.93
N PHE D 50 -16.32 -0.80 3.57
CA PHE D 50 -17.45 -0.43 2.75
C PHE D 50 -18.72 -0.92 3.44
N GLY D 51 -19.83 -0.25 3.15
CA GLY D 51 -21.07 -0.66 3.77
C GLY D 51 -21.15 -0.31 5.23
N ALA D 52 -20.34 0.66 5.67
CA ALA D 52 -20.26 1.14 7.05
C ALA D 52 -19.65 0.14 8.02
N SER D 53 -19.76 -1.17 7.72
CA SER D 53 -19.21 -2.17 8.63
C SER D 53 -18.54 -3.37 7.95
N SER D 54 -18.43 -3.41 6.64
CA SER D 54 -17.82 -4.55 5.95
C SER D 54 -16.40 -4.22 5.49
N ARG D 55 -15.47 -5.11 5.81
CA ARG D 55 -14.07 -4.95 5.42
C ARG D 55 -13.88 -5.37 3.98
N ALA D 56 -12.88 -4.79 3.32
CA ALA D 56 -12.59 -5.10 1.93
C ALA D 56 -11.55 -6.22 1.85
N THR D 57 -11.12 -6.54 0.63
CA THR D 57 -10.14 -7.60 0.43
C THR D 57 -8.75 -7.10 0.73
N GLY D 58 -8.03 -7.84 1.59
CA GLY D 58 -6.69 -7.48 1.97
C GLY D 58 -6.58 -6.51 3.12
N ILE D 59 -7.70 -6.03 3.64
CA ILE D 59 -7.67 -5.08 4.76
C ILE D 59 -7.59 -5.87 6.06
N PRO D 60 -6.70 -5.51 6.98
CA PRO D 60 -6.57 -6.26 8.23
C PRO D 60 -7.78 -6.12 9.13
N ASP D 61 -7.92 -7.09 10.03
CA ASP D 61 -9.04 -7.14 10.97
C ASP D 61 -8.98 -6.04 12.02
N ARG D 62 -7.83 -5.39 12.19
CA ARG D 62 -7.74 -4.31 13.18
C ARG D 62 -8.69 -3.18 12.81
N PHE D 63 -8.87 -2.94 11.51
CA PHE D 63 -9.78 -1.90 11.03
C PHE D 63 -11.21 -2.43 11.16
N SER D 64 -12.05 -1.68 11.88
CA SER D 64 -13.43 -2.07 12.10
C SER D 64 -14.33 -0.89 11.76
N GLY D 65 -15.47 -1.17 11.17
CA GLY D 65 -16.43 -0.14 10.78
C GLY D 65 -17.76 -0.34 11.47
N SER D 66 -18.40 0.78 11.82
CA SER D 66 -19.69 0.80 12.48
C SER D 66 -20.37 2.11 12.16
N GLY D 67 -21.69 2.10 12.16
CA GLY D 67 -22.43 3.32 11.88
C GLY D 67 -23.92 3.03 11.75
N SER D 68 -24.68 4.13 11.77
CA SER D 68 -26.13 4.04 11.66
C SER D 68 -26.68 5.42 11.33
N GLY D 69 -27.56 5.48 10.34
CA GLY D 69 -28.18 6.73 9.95
C GLY D 69 -27.24 7.82 9.49
N THR D 70 -26.88 8.71 10.42
CA THR D 70 -26.00 9.83 10.15
C THR D 70 -24.66 9.77 10.89
N ASP D 71 -24.52 8.90 11.88
CA ASP D 71 -23.29 8.79 12.66
C ASP D 71 -22.60 7.48 12.32
N PHE D 72 -21.33 7.57 11.91
CA PHE D 72 -20.52 6.42 11.55
C PHE D 72 -19.17 6.55 12.24
N THR D 73 -18.50 5.41 12.43
CA THR D 73 -17.23 5.43 13.12
C THR D 73 -16.30 4.35 12.58
N LEU D 74 -15.00 4.67 12.60
CA LEU D 74 -13.93 3.77 12.18
C LEU D 74 -13.07 3.51 13.40
N THR D 75 -12.89 2.23 13.74
CA THR D 75 -12.10 1.87 14.91
C THR D 75 -10.89 1.03 14.53
N ILE D 76 -9.78 1.30 15.19
CA ILE D 76 -8.52 0.58 15.03
C ILE D 76 -8.20 -0.03 16.38
N SER D 77 -8.12 -1.36 16.46
CA SER D 77 -7.87 -2.01 17.74
C SER D 77 -6.52 -1.61 18.32
N ARG D 78 -5.47 -1.72 17.52
CA ARG D 78 -4.12 -1.35 17.95
C ARG D 78 -3.45 -0.60 16.82
N LEU D 79 -3.01 0.62 17.10
CA LEU D 79 -2.38 1.44 16.08
C LEU D 79 -0.97 0.93 15.81
N GLU D 80 -0.68 0.65 14.55
CA GLU D 80 0.59 0.18 14.06
C GLU D 80 1.26 1.31 13.29
N PRO D 81 2.58 1.26 13.07
CA PRO D 81 3.24 2.38 12.37
C PRO D 81 2.68 2.68 11.00
N GLU D 82 2.14 1.68 10.30
CA GLU D 82 1.57 1.89 8.98
C GLU D 82 0.17 2.51 9.03
N ASP D 83 -0.47 2.57 10.19
CA ASP D 83 -1.82 3.12 10.29
C ASP D 83 -1.86 4.63 10.50
N PHE D 84 -0.72 5.27 10.75
CA PHE D 84 -0.73 6.72 10.96
C PHE D 84 -0.76 7.39 9.60
N ALA D 85 -1.93 7.91 9.24
CA ALA D 85 -2.13 8.57 7.96
C ALA D 85 -3.41 9.42 8.05
N VAL D 86 -3.99 9.75 6.90
CA VAL D 86 -5.19 10.55 6.82
C VAL D 86 -6.33 9.63 6.34
N TYR D 87 -7.43 9.65 7.06
CA TYR D 87 -8.59 8.82 6.75
C TYR D 87 -9.75 9.67 6.26
N TYR D 88 -10.51 9.14 5.31
CA TYR D 88 -11.64 9.83 4.71
C TYR D 88 -12.86 8.92 4.68
N CYS D 89 -14.04 9.54 4.81
CA CYS D 89 -15.31 8.83 4.74
C CYS D 89 -16.01 9.26 3.46
N GLN D 90 -16.71 8.34 2.82
CA GLN D 90 -17.39 8.62 1.57
C GLN D 90 -18.83 8.12 1.59
N GLN D 91 -19.75 8.98 1.20
CA GLN D 91 -21.17 8.63 1.12
C GLN D 91 -21.50 8.36 -0.34
N TYR D 92 -22.19 7.25 -0.61
CA TYR D 92 -22.53 6.90 -1.98
C TYR D 92 -23.98 6.51 -2.13
N ASP D 93 -24.57 6.89 -3.27
CA ASP D 93 -25.93 6.57 -3.62
C ASP D 93 -25.93 6.11 -5.08
N SER D 94 -27.00 5.42 -5.48
CA SER D 94 -27.08 4.91 -6.84
C SER D 94 -27.98 5.70 -7.76
N SER D 95 -29.13 6.19 -7.26
CA SER D 95 -30.07 6.96 -8.09
C SER D 95 -30.54 8.17 -7.31
N PRO D 96 -29.95 9.36 -7.56
CA PRO D 96 -28.88 9.53 -8.55
C PRO D 96 -27.49 9.30 -7.97
N PRO D 97 -26.51 8.96 -8.82
CA PRO D 97 -25.15 8.76 -8.33
C PRO D 97 -24.63 10.03 -7.67
N ILE D 98 -24.28 9.93 -6.40
CA ILE D 98 -23.80 11.10 -5.65
C ILE D 98 -22.30 11.01 -5.43
N PHE D 99 -21.87 10.09 -4.55
CA PHE D 99 -20.46 9.90 -4.24
C PHE D 99 -19.81 11.17 -3.69
N THR D 100 -19.96 11.42 -2.40
CA THR D 100 -19.36 12.59 -1.76
C THR D 100 -18.39 12.15 -0.68
N PHE D 101 -17.30 12.91 -0.54
CA PHE D 101 -16.24 12.61 0.42
C PHE D 101 -16.28 13.58 1.60
N GLY D 102 -15.55 13.19 2.65
CA GLY D 102 -15.44 13.98 3.85
C GLY D 102 -14.18 14.82 3.89
N PRO D 103 -14.03 15.66 4.92
CA PRO D 103 -12.84 16.51 5.03
C PRO D 103 -11.53 15.73 5.19
N GLY D 104 -11.44 14.93 6.26
CA GLY D 104 -10.24 14.15 6.49
C GLY D 104 -9.67 14.26 7.89
N THR D 105 -9.29 13.12 8.48
CA THR D 105 -8.72 13.07 9.82
C THR D 105 -7.32 12.46 9.76
N LYS D 106 -6.34 13.16 10.32
CA LYS D 106 -4.96 12.71 10.33
C LYS D 106 -4.60 12.15 11.69
N VAL D 107 -4.10 10.91 11.70
CA VAL D 107 -3.68 10.24 12.93
C VAL D 107 -2.17 10.33 13.02
N ASP D 108 -1.67 10.95 14.09
CA ASP D 108 -0.23 11.11 14.30
C ASP D 108 0.18 10.44 15.60
N ILE D 109 1.51 10.35 15.79
CA ILE D 109 2.09 9.72 16.98
C ILE D 109 2.17 10.73 18.12
N LYS D 110 1.60 10.38 19.26
CA LYS D 110 1.64 11.25 20.43
C LYS D 110 3.04 11.29 21.03
N ARG D 111 3.47 12.48 21.47
CA ARG D 111 4.77 12.66 22.09
C ARG D 111 4.68 13.88 23.01
N THR D 112 5.78 14.13 23.73
CA THR D 112 5.83 15.27 24.65
C THR D 112 5.73 16.59 23.89
N VAL D 113 5.14 17.59 24.56
CA VAL D 113 4.98 18.92 23.97
C VAL D 113 6.35 19.55 23.75
N ALA D 114 6.88 19.40 22.55
CA ALA D 114 8.19 19.94 22.20
C ALA D 114 8.07 21.36 21.68
N ALA D 115 8.76 22.30 22.33
CA ALA D 115 8.72 23.67 21.86
C ALA D 115 9.50 23.78 20.56
N PRO D 116 9.08 24.67 19.66
CA PRO D 116 9.78 24.80 18.38
C PRO D 116 11.02 25.68 18.48
N SER D 117 12.17 25.15 18.07
CA SER D 117 13.38 25.94 18.04
C SER D 117 13.22 26.88 16.84
N VAL D 118 13.17 28.18 17.10
CA VAL D 118 12.93 29.15 16.05
C VAL D 118 14.24 29.69 15.49
N PHE D 119 14.32 29.76 14.15
CA PHE D 119 15.46 30.25 13.42
C PHE D 119 14.96 31.20 12.34
N ILE D 120 15.54 32.40 12.27
CA ILE D 120 15.17 33.39 11.26
C ILE D 120 16.34 33.54 10.29
N PHE D 121 16.04 33.50 9.00
CA PHE D 121 17.04 33.61 7.95
C PHE D 121 16.87 34.89 7.16
N PRO D 122 17.82 35.81 7.25
CA PRO D 122 17.72 37.07 6.49
C PRO D 122 17.83 36.81 4.99
N PRO D 123 17.31 37.70 4.15
CA PRO D 123 17.41 37.45 2.71
C PRO D 123 18.88 37.44 2.31
N SER D 124 19.21 36.60 1.34
CA SER D 124 20.58 36.48 0.88
C SER D 124 21.00 37.70 0.09
N ASP D 125 22.28 38.07 0.22
CA ASP D 125 22.79 39.23 -0.52
C ASP D 125 22.62 39.03 -2.00
N GLU D 126 22.71 37.78 -2.47
CA GLU D 126 22.50 37.50 -3.89
C GLU D 126 21.06 37.83 -4.28
N GLN D 127 20.11 37.53 -3.39
CA GLN D 127 18.72 37.85 -3.68
C GLN D 127 18.53 39.35 -3.73
N LEU D 128 19.12 40.08 -2.78
CA LEU D 128 19.03 41.53 -2.80
C LEU D 128 19.78 42.08 -4.00
N LYS D 129 20.77 41.33 -4.50
CA LYS D 129 21.52 41.75 -5.67
C LYS D 129 20.68 41.57 -6.93
N SER D 130 19.56 40.85 -6.82
CA SER D 130 18.61 40.61 -7.88
C SER D 130 17.39 41.50 -7.61
N GLY D 131 16.27 41.20 -8.27
CA GLY D 131 15.06 41.97 -8.09
C GLY D 131 14.07 41.32 -7.15
N THR D 132 14.56 40.60 -6.15
CA THR D 132 13.68 39.92 -5.21
C THR D 132 14.21 40.03 -3.79
N ALA D 133 13.32 39.71 -2.83
CA ALA D 133 13.66 39.76 -1.41
C ALA D 133 12.70 38.85 -0.66
N SER D 134 13.22 37.87 0.06
CA SER D 134 12.39 36.94 0.82
C SER D 134 13.10 36.55 2.11
N VAL D 135 12.42 36.73 3.24
CA VAL D 135 12.94 36.36 4.55
C VAL D 135 12.26 35.05 4.96
N VAL D 136 13.01 34.19 5.64
CA VAL D 136 12.51 32.87 6.03
C VAL D 136 12.58 32.66 7.54
N CYS D 137 11.55 32.02 8.08
CA CYS D 137 11.44 31.66 9.49
C CYS D 137 11.32 30.14 9.55
N LEU D 138 12.06 29.51 10.46
CA LEU D 138 12.06 28.06 10.58
C LEU D 138 11.68 27.60 11.98
N LEU D 139 10.73 26.67 12.05
CA LEU D 139 10.27 26.04 13.29
C LEU D 139 10.72 24.58 13.15
N ASN D 140 11.73 24.19 13.92
CA ASN D 140 12.29 22.85 13.81
C ASN D 140 11.93 21.97 15.00
N ASN D 141 11.50 20.74 14.70
CA ASN D 141 11.15 19.71 15.68
C ASN D 141 10.21 20.21 16.76
N PHE D 142 8.91 20.25 16.47
CA PHE D 142 7.94 20.71 17.44
C PHE D 142 6.73 19.77 17.43
N TYR D 143 6.06 19.70 18.59
CA TYR D 143 4.88 18.88 18.78
C TYR D 143 4.09 19.57 19.90
N PRO D 144 2.78 19.75 19.75
CA PRO D 144 1.91 19.30 18.65
C PRO D 144 2.08 20.10 17.36
N ARG D 145 1.53 19.56 16.27
CA ARG D 145 1.63 20.22 14.97
C ARG D 145 0.98 21.60 14.95
N GLU D 146 -0.09 21.79 15.73
CA GLU D 146 -0.78 23.08 15.78
C GLU D 146 0.17 24.20 16.19
N ALA D 147 0.51 25.10 15.26
CA ALA D 147 1.42 26.21 15.54
C ALA D 147 1.06 27.39 14.65
N LYS D 148 1.12 28.59 15.22
CA LYS D 148 0.78 29.82 14.53
C LYS D 148 1.99 30.73 14.38
N VAL D 149 2.31 31.07 13.12
CA VAL D 149 3.45 31.93 12.76
C VAL D 149 2.87 33.24 12.25
N GLN D 150 3.30 34.30 12.90
CA GLN D 150 2.82 35.66 12.72
C GLN D 150 4.00 36.58 12.37
N TRP D 151 4.00 37.15 11.14
CA TRP D 151 5.11 38.02 10.71
C TRP D 151 4.94 39.46 11.18
N LYS D 152 6.06 40.08 11.57
CA LYS D 152 6.06 41.45 12.08
C LYS D 152 7.13 42.31 11.42
N VAL D 153 6.71 43.23 10.55
CA VAL D 153 7.61 44.15 9.88
C VAL D 153 7.48 45.50 10.60
N ASP D 154 8.53 45.90 11.32
CA ASP D 154 8.55 47.16 12.05
C ASP D 154 7.38 47.26 13.03
N ASN D 155 7.19 46.18 13.80
CA ASN D 155 6.12 46.05 14.80
C ASN D 155 4.73 46.09 14.21
N ALA D 156 4.60 45.86 12.90
CA ALA D 156 3.31 45.86 12.21
C ALA D 156 2.96 44.47 11.67
N LEU D 157 1.74 43.97 11.96
CA LEU D 157 1.40 42.66 11.38
C LEU D 157 1.46 42.62 9.88
N GLN D 158 1.88 41.46 9.42
CA GLN D 158 1.97 41.13 8.03
C GLN D 158 1.04 39.95 7.80
N SER D 159 0.08 40.13 6.90
CA SER D 159 -0.90 39.10 6.58
C SER D 159 -1.06 39.04 5.07
N GLY D 160 -1.03 37.83 4.52
CA GLY D 160 -1.17 37.62 3.11
C GLY D 160 0.14 37.57 2.35
N ASN D 161 1.23 38.00 2.96
CA ASN D 161 2.56 38.00 2.37
C ASN D 161 3.39 36.81 2.81
N SER D 162 2.83 35.94 3.64
CA SER D 162 3.52 34.77 4.16
C SER D 162 2.95 33.49 3.56
N GLN D 163 3.85 32.59 3.15
CA GLN D 163 3.49 31.30 2.60
C GLN D 163 4.05 30.24 3.54
N GLU D 164 3.21 29.33 4.00
CA GLU D 164 3.62 28.31 4.93
C GLU D 164 3.62 26.92 4.29
N SER D 165 4.49 26.06 4.81
CA SER D 165 4.64 24.68 4.37
C SER D 165 4.97 23.84 5.58
N VAL D 166 4.35 22.66 5.68
CA VAL D 166 4.56 21.77 6.82
C VAL D 166 5.14 20.45 6.34
N THR D 167 6.17 19.98 7.04
CA THR D 167 6.78 18.70 6.75
C THR D 167 5.96 17.60 7.40
N GLU D 168 6.20 16.36 6.98
CA GLU D 168 5.48 15.26 7.59
C GLU D 168 6.16 14.90 8.91
N GLN D 169 5.38 14.26 9.80
CA GLN D 169 5.91 13.88 11.09
C GLN D 169 7.11 12.95 10.95
N ASP D 170 8.17 13.25 11.70
CA ASP D 170 9.38 12.46 11.62
C ASP D 170 9.14 11.03 12.11
N SER D 171 9.76 10.08 11.43
CA SER D 171 9.61 8.66 11.75
C SER D 171 10.43 8.24 12.97
N LYS D 172 11.35 9.07 13.44
CA LYS D 172 12.18 8.74 14.59
C LYS D 172 11.98 9.70 15.76
N ASP D 173 11.80 10.99 15.48
CA ASP D 173 11.60 11.98 16.53
C ASP D 173 10.13 12.31 16.76
N SER D 174 9.24 11.93 15.83
CA SER D 174 7.80 12.21 15.92
C SER D 174 7.54 13.70 16.11
N THR D 175 8.28 14.52 15.36
CA THR D 175 8.16 15.97 15.41
C THR D 175 7.77 16.52 14.04
N TYR D 176 7.49 17.81 14.03
CA TYR D 176 7.10 18.54 12.82
C TYR D 176 8.04 19.72 12.61
N SER D 177 7.99 20.29 11.42
CA SER D 177 8.83 21.42 11.07
C SER D 177 8.05 22.35 10.14
N LEU D 178 8.30 23.65 10.28
CA LEU D 178 7.60 24.67 9.50
C LEU D 178 8.58 25.65 8.87
N SER D 179 8.25 26.06 7.64
CA SER D 179 9.03 27.05 6.89
C SER D 179 8.08 28.15 6.44
N SER D 180 8.36 29.38 6.83
CA SER D 180 7.54 30.53 6.47
C SER D 180 8.36 31.49 5.64
N THR D 181 7.82 31.89 4.49
CA THR D 181 8.51 32.80 3.58
C THR D 181 7.73 34.09 3.42
N LEU D 182 8.35 35.21 3.76
CA LEU D 182 7.76 36.53 3.63
C LEU D 182 8.39 37.15 2.39
N THR D 183 7.59 37.37 1.35
CA THR D 183 8.08 37.91 0.08
C THR D 183 7.67 39.36 -0.07
N LEU D 184 8.66 40.26 -0.06
CA LEU D 184 8.46 41.69 -0.23
C LEU D 184 9.43 42.20 -1.31
N SER D 185 9.09 43.34 -1.89
CA SER D 185 9.94 43.93 -2.91
C SER D 185 11.26 44.38 -2.31
N LYS D 186 12.31 44.41 -3.15
CA LYS D 186 13.62 44.81 -2.67
C LYS D 186 13.59 46.23 -2.09
N ALA D 187 12.81 47.12 -2.71
CA ALA D 187 12.72 48.49 -2.19
C ALA D 187 12.01 48.51 -0.83
N ASP D 188 10.93 47.74 -0.69
CA ASP D 188 10.22 47.68 0.57
C ASP D 188 11.08 47.10 1.68
N TYR D 189 12.04 46.23 1.31
CA TYR D 189 12.92 45.62 2.31
C TYR D 189 13.80 46.66 3.00
N GLU D 190 14.46 47.51 2.20
CA GLU D 190 15.36 48.52 2.75
C GLU D 190 14.64 49.56 3.60
N LYS D 191 13.39 49.91 3.27
CA LYS D 191 12.68 50.94 4.02
C LYS D 191 12.55 50.59 5.50
N HIS D 192 12.07 49.39 5.81
CA HIS D 192 11.90 48.97 7.19
C HIS D 192 13.16 48.30 7.73
N LYS D 193 13.18 48.04 9.03
CA LYS D 193 14.33 47.44 9.67
C LYS D 193 14.01 46.23 10.53
N VAL D 194 12.99 46.35 11.38
CA VAL D 194 12.63 45.26 12.28
C VAL D 194 11.82 44.20 11.56
N TYR D 195 12.32 42.96 11.58
CA TYR D 195 11.66 41.79 11.00
C TYR D 195 11.55 40.79 12.14
N ALA D 196 10.32 40.41 12.48
CA ALA D 196 10.10 39.49 13.58
C ALA D 196 9.23 38.32 13.18
N CYS D 197 9.44 37.20 13.86
CA CYS D 197 8.71 35.96 13.65
C CYS D 197 8.07 35.57 14.97
N GLU D 198 6.79 35.87 15.13
CA GLU D 198 6.06 35.54 16.36
C GLU D 198 5.55 34.11 16.25
N VAL D 199 5.90 33.28 17.24
CA VAL D 199 5.49 31.88 17.25
C VAL D 199 4.58 31.63 18.44
N THR D 200 3.38 31.12 18.16
CA THR D 200 2.41 30.77 19.18
C THR D 200 2.27 29.25 19.12
N HIS D 201 2.53 28.58 20.24
CA HIS D 201 2.48 27.13 20.28
C HIS D 201 2.06 26.69 21.68
N GLN D 202 1.78 25.39 21.81
CA GLN D 202 1.37 24.84 23.09
C GLN D 202 2.56 24.69 24.03
N GLY D 203 3.72 24.31 23.49
CA GLY D 203 4.90 24.16 24.32
C GLY D 203 5.41 25.48 24.85
N LEU D 204 5.17 26.56 24.11
CA LEU D 204 5.57 27.90 24.52
C LEU D 204 4.48 28.47 25.42
N SER D 205 4.81 28.72 26.69
CA SER D 205 3.82 29.27 27.61
C SER D 205 3.36 30.64 27.17
N SER D 206 4.24 31.42 26.54
CA SER D 206 3.99 32.75 26.02
C SER D 206 4.54 32.79 24.61
N PRO D 207 4.00 33.66 23.74
CA PRO D 207 4.52 33.70 22.37
C PRO D 207 6.00 34.04 22.37
N VAL D 208 6.75 33.37 21.50
CA VAL D 208 8.18 33.57 21.37
C VAL D 208 8.41 34.36 20.09
N THR D 209 9.21 35.42 20.19
CA THR D 209 9.49 36.27 19.04
C THR D 209 10.98 36.27 18.73
N LYS D 210 11.33 35.82 17.54
CA LYS D 210 12.70 35.78 17.04
C LYS D 210 12.77 36.88 15.99
N SER D 211 13.69 37.82 16.16
CA SER D 211 13.78 38.94 15.23
C SER D 211 15.22 39.23 14.81
N PHE D 212 15.33 39.97 13.71
CA PHE D 212 16.60 40.41 13.15
C PHE D 212 16.40 41.77 12.51
N ASN D 213 17.31 42.69 12.80
CA ASN D 213 17.26 44.04 12.24
C ASN D 213 18.28 44.17 11.12
N ARG D 214 17.87 44.81 10.03
CA ARG D 214 18.73 45.01 8.86
C ARG D 214 19.32 43.69 8.35
N GLY E 8 30.54 9.65 0.16
CA GLY E 8 31.01 9.38 -1.18
C GLY E 8 30.19 8.39 -1.99
N ILE E 9 30.81 7.28 -2.39
CA ILE E 9 30.09 6.28 -3.19
C ILE E 9 29.25 5.33 -2.34
N ASP E 10 28.02 5.14 -2.79
CA ASP E 10 26.94 4.31 -2.28
C ASP E 10 26.67 3.22 -3.32
N PHE E 11 25.82 2.25 -2.94
CA PHE E 11 25.48 1.17 -3.86
C PHE E 11 24.92 1.69 -5.18
N GLN E 12 24.17 2.80 -5.13
CA GLN E 12 23.60 3.36 -6.36
C GLN E 12 24.70 3.82 -7.30
N ASP E 13 25.69 4.55 -6.79
CA ASP E 13 26.77 5.02 -7.64
C ASP E 13 27.55 3.86 -8.22
N GLU E 14 27.77 2.81 -7.42
CA GLU E 14 28.47 1.65 -7.95
C GLU E 14 27.67 1.00 -9.06
N LEU E 15 26.34 0.97 -8.90
CA LEU E 15 25.47 0.39 -9.92
C LEU E 15 25.46 1.24 -11.18
N ASP E 16 25.51 2.57 -11.03
CA ASP E 16 25.53 3.42 -12.21
C ASP E 16 26.75 3.12 -13.07
N GLU E 17 27.86 2.73 -12.42
CA GLU E 17 29.07 2.36 -13.12
C GLU E 17 28.86 1.13 -13.99
N PHE E 18 28.06 0.18 -13.50
CA PHE E 18 27.82 -1.05 -14.25
C PHE E 18 27.23 -0.77 -15.64
N PHE E 19 26.39 0.26 -15.75
CA PHE E 19 25.79 0.61 -17.03
C PHE E 19 26.66 1.56 -17.83
N LYS E 20 27.77 2.03 -17.26
CA LYS E 20 28.69 2.92 -17.97
C LYS E 20 29.71 2.10 -18.73
N ASN E 21 30.18 1.01 -18.12
CA ASN E 21 31.14 0.09 -18.71
C ASN E 21 30.47 -0.98 -19.57
N VAL E 22 29.14 -1.09 -19.50
CA VAL E 22 28.41 -2.09 -20.27
C VAL E 22 27.37 -1.42 -21.17
N GLY F 8 -29.36 -8.27 -0.70
CA GLY F 8 -29.22 -9.19 -1.81
C GLY F 8 -28.72 -8.51 -3.07
N ILE F 9 -29.34 -7.38 -3.42
CA ILE F 9 -28.98 -6.62 -4.60
C ILE F 9 -27.75 -5.79 -4.29
N ASP F 10 -26.87 -5.63 -5.27
CA ASP F 10 -25.67 -4.87 -5.08
C ASP F 10 -25.81 -3.50 -5.74
N PHE F 11 -24.94 -2.58 -5.32
CA PHE F 11 -24.94 -1.22 -5.85
C PHE F 11 -24.76 -1.23 -7.37
N GLN F 12 -24.00 -2.20 -7.89
CA GLN F 12 -23.81 -2.31 -9.33
C GLN F 12 -25.14 -2.53 -10.03
N ASP F 13 -25.97 -3.43 -9.48
CA ASP F 13 -27.28 -3.69 -10.09
C ASP F 13 -28.16 -2.45 -10.02
N GLU F 14 -28.14 -1.75 -8.87
CA GLU F 14 -28.93 -0.53 -8.74
C GLU F 14 -28.44 0.53 -9.72
N LEU F 15 -27.14 0.56 -9.96
CA LEU F 15 -26.61 1.53 -10.91
C LEU F 15 -27.13 1.24 -12.32
N ASP F 16 -27.20 -0.04 -12.67
CA ASP F 16 -27.71 -0.41 -13.97
C ASP F 16 -29.14 0.05 -14.14
N GLU F 17 -29.90 0.09 -13.04
CA GLU F 17 -31.29 0.54 -13.09
C GLU F 17 -31.38 2.01 -13.51
N PHE F 18 -30.61 2.88 -12.82
CA PHE F 18 -30.63 4.30 -13.15
C PHE F 18 -30.10 4.55 -14.55
N PHE F 19 -29.13 3.77 -14.99
CA PHE F 19 -28.57 3.98 -16.32
C PHE F 19 -29.42 3.33 -17.39
N LYS F 20 -30.48 2.64 -16.99
CA LYS F 20 -31.45 2.03 -17.89
C LYS F 20 -32.56 3.02 -18.21
N ASN F 21 -33.04 3.76 -17.19
CA ASN F 21 -34.10 4.73 -17.36
C ASN F 21 -33.61 6.12 -17.74
N VAL F 22 -32.33 6.42 -17.56
CA VAL F 22 -31.81 7.74 -17.91
C VAL F 22 -30.60 7.60 -18.83
#